data_8G2X
#
_entry.id   8G2X
#
_cell.length_a   44.130
_cell.length_b   50.800
_cell.length_c   92.410
_cell.angle_alpha   92.09
_cell.angle_beta   102.96
_cell.angle_gamma   109.68
#
_symmetry.space_group_name_H-M   'P 1'
#
loop_
_entity.id
_entity.type
_entity.pdbx_description
1 polymer 'Alcohol dehydrogenase E chain'
2 non-polymer 'ZINC ION'
3 non-polymer 'NICOTINAMIDE-ADENINE-DINUCLEOTIDE (ACIDIC FORM)'
4 non-polymer PYRAZOLE
5 non-polymer (4S)-2-METHYL-2,4-PENTANEDIOL
6 non-polymer (4R)-2-METHYLPENTANE-2,4-DIOL
7 water water
#
_entity_poly.entity_id   1
_entity_poly.type   'polypeptide(L)'
_entity_poly.pdbx_seq_one_letter_code
;STAGKVIKCKAAVLWEEKKPFSIEEVEVAPPKAHEVRIKMVATGICRSDDQVVSGTLVTPLPVIAGHEAAGIVESIGEGV
TTVRPGDKVIPLFTPQCGKCRVCKHPEGNFCLKNDLSMPRGTMQDGTSRFTCRGKPIHHFLGTSTFSQYTVVDEISVAKI
DAASPLEKVCLIGCGFSTGYGSAVKVAKVTQGSTCAVFGLGGVGLSVIMGCKAAGAARIIGVDINKDKFAKAKEVGATEC
VNPQDYKKPIQEVLTEMSNGGVDFSFEVIGRLDTMVTALSCCQEAYGVSVIVGVPPDSQNLSMNPMLLLSGRTWKGAIFG
GFKSKDSVPKLVADFMAKKFALDPLITHVLPFEKINEGFDLLRSGESIRTILTF
;
_entity_poly.pdbx_strand_id   A,B
#
loop_
_chem_comp.id
_chem_comp.type
_chem_comp.name
_chem_comp.formula
MPD non-polymer (4S)-2-METHYL-2,4-PENTANEDIOL 'C6 H14 O2'
MRD non-polymer (4R)-2-METHYLPENTANE-2,4-DIOL 'C6 H14 O2'
NAJ non-polymer 'NICOTINAMIDE-ADENINE-DINUCLEOTIDE (ACIDIC FORM)' 'C21 H27 N7 O14 P2'
PZO non-polymer PYRAZOLE 'C3 H4 N2'
ZN non-polymer 'ZINC ION' 'Zn 2'
#
# COMPACT_ATOMS: atom_id res chain seq x y z
N SER A 1 -44.04 9.38 -26.38
CA SER A 1 -44.65 10.62 -25.82
C SER A 1 -43.56 11.63 -25.47
N THR A 2 -42.63 11.30 -24.56
CA THR A 2 -41.45 12.18 -24.31
C THR A 2 -40.24 11.68 -25.09
N ALA A 3 -40.28 10.46 -25.63
CA ALA A 3 -39.14 9.86 -26.37
C ALA A 3 -38.78 10.84 -27.49
N GLY A 4 -37.49 11.13 -27.64
CA GLY A 4 -36.95 12.00 -28.69
C GLY A 4 -37.18 13.47 -28.43
N LYS A 5 -37.83 13.84 -27.35
CA LYS A 5 -38.13 15.27 -27.07
C LYS A 5 -37.33 15.77 -25.87
N VAL A 6 -37.05 17.05 -25.84
CA VAL A 6 -36.51 17.74 -24.64
C VAL A 6 -37.54 17.58 -23.53
N ILE A 7 -37.08 17.22 -22.36
CA ILE A 7 -37.92 17.25 -21.14
C ILE A 7 -37.55 18.47 -20.28
N LYS A 8 -38.57 19.22 -19.89
CA LYS A 8 -38.41 20.27 -18.89
C LYS A 8 -38.81 19.67 -17.57
N CYS A 9 -37.92 19.76 -16.59
CA CYS A 9 -38.16 19.20 -15.25
C CYS A 9 -37.40 20.00 -14.20
N LYS A 10 -37.59 19.69 -12.91
CA LYS A 10 -36.89 20.35 -11.81
C LYS A 10 -35.61 19.56 -11.50
N ALA A 11 -34.55 20.31 -11.28
CA ALA A 11 -33.25 19.80 -10.81
C ALA A 11 -32.73 20.72 -9.72
N ALA A 12 -31.76 20.23 -8.97
CA ALA A 12 -31.03 21.01 -7.96
C ALA A 12 -29.73 21.46 -8.62
N VAL A 13 -29.65 22.71 -9.00
CA VAL A 13 -28.47 23.25 -9.73
C VAL A 13 -27.58 23.90 -8.70
N LEU A 14 -26.30 23.62 -8.76
CA LEU A 14 -25.29 24.30 -7.93
C LEU A 14 -24.55 25.31 -8.81
N TRP A 15 -24.86 26.58 -8.60
CA TRP A 15 -24.31 27.67 -9.45
C TRP A 15 -22.94 28.08 -8.97
N GLU A 16 -22.65 27.97 -7.67
CA GLU A 16 -21.36 28.41 -7.09
C GLU A 16 -21.06 27.59 -5.83
N GLU A 17 -19.79 27.52 -5.46
CA GLU A 17 -19.39 26.80 -4.23
C GLU A 17 -20.00 27.49 -3.02
N LYS A 18 -20.18 26.72 -1.95
CA LYS A 18 -20.51 27.19 -0.61
C LYS A 18 -21.85 27.94 -0.62
N LYS A 19 -22.76 27.58 -1.53
CA LYS A 19 -24.13 28.14 -1.58
C LYS A 19 -25.14 27.01 -1.58
N PRO A 20 -26.39 27.26 -1.14
CA PRO A 20 -27.45 26.29 -1.30
C PRO A 20 -27.67 25.92 -2.77
N PHE A 21 -28.18 24.71 -2.97
CA PHE A 21 -28.67 24.25 -4.27
C PHE A 21 -29.88 25.09 -4.65
N SER A 22 -30.06 25.33 -5.93
CA SER A 22 -31.24 26.06 -6.46
C SER A 22 -32.16 25.06 -7.14
N ILE A 23 -33.35 24.82 -6.61
CA ILE A 23 -34.34 23.88 -7.20
C ILE A 23 -35.05 24.68 -8.27
N GLU A 24 -34.82 24.37 -9.53
CA GLU A 24 -35.44 25.14 -10.62
C GLU A 24 -35.49 24.32 -11.90
N GLU A 25 -36.21 24.82 -12.89
CA GLU A 25 -36.47 24.09 -14.13
C GLU A 25 -35.20 24.04 -14.95
N VAL A 26 -34.95 22.85 -15.47
CA VAL A 26 -33.88 22.63 -16.45
C VAL A 26 -34.49 21.98 -17.68
N GLU A 27 -33.76 22.00 -18.78
CA GLU A 27 -34.09 21.26 -20.01
C GLU A 27 -33.14 20.09 -20.12
N VAL A 28 -33.69 18.91 -20.27
CA VAL A 28 -32.91 17.66 -20.41
C VAL A 28 -33.08 17.15 -21.84
N ALA A 29 -32.01 17.22 -22.61
CA ALA A 29 -32.00 16.73 -24.00
C ALA A 29 -32.33 15.24 -24.01
N PRO A 30 -32.86 14.75 -25.14
CA PRO A 30 -33.05 13.32 -25.37
C PRO A 30 -31.70 12.62 -25.55
N PRO A 31 -31.66 11.31 -25.25
CA PRO A 31 -30.42 10.56 -25.30
C PRO A 31 -29.93 10.39 -26.74
N LYS A 32 -28.62 10.56 -26.91
CA LYS A 32 -27.91 10.30 -28.19
C LYS A 32 -27.61 8.82 -28.24
N ALA A 33 -26.89 8.38 -29.27
CA ALA A 33 -26.47 6.98 -29.40
C ALA A 33 -25.83 6.54 -28.08
N HIS A 34 -26.21 5.36 -27.61
CA HIS A 34 -25.55 4.69 -26.45
C HIS A 34 -25.71 5.53 -25.19
N GLU A 35 -26.82 6.28 -25.10
CA GLU A 35 -27.20 7.06 -23.89
C GLU A 35 -28.58 6.64 -23.44
N VAL A 36 -28.84 6.88 -22.17
CA VAL A 36 -30.08 6.40 -21.49
C VAL A 36 -30.61 7.57 -20.68
N ARG A 37 -31.88 7.90 -20.89
CA ARG A 37 -32.51 8.93 -20.07
C ARG A 37 -33.38 8.29 -18.99
N ILE A 38 -33.20 8.73 -17.75
CA ILE A 38 -33.74 8.04 -16.54
C ILE A 38 -34.63 9.04 -15.79
N LYS A 39 -35.83 8.60 -15.42
CA LYS A 39 -36.70 9.26 -14.46
C LYS A 39 -36.23 8.83 -13.08
N MET A 40 -35.69 9.77 -12.34
CA MET A 40 -35.16 9.45 -10.99
C MET A 40 -36.30 9.21 -10.02
N VAL A 41 -36.12 8.24 -9.13
CA VAL A 41 -37.13 7.89 -8.10
C VAL A 41 -36.58 8.25 -6.74
N ALA A 42 -35.33 7.88 -6.44
CA ALA A 42 -34.74 8.23 -5.12
C ALA A 42 -33.24 8.49 -5.26
N THR A 43 -32.74 9.43 -4.47
CA THR A 43 -31.27 9.70 -4.44
C THR A 43 -30.84 9.96 -3.00
N GLY A 44 -29.67 9.42 -2.61
CA GLY A 44 -29.07 9.67 -1.31
C GLY A 44 -28.16 10.85 -1.33
N ILE A 45 -27.95 11.42 -0.16
CA ILE A 45 -26.96 12.50 0.05
C ILE A 45 -25.68 11.90 0.59
N CYS A 46 -24.63 11.82 -0.25
CA CYS A 46 -23.28 11.32 0.10
C CYS A 46 -22.40 12.52 0.46
N ARG A 47 -21.45 12.35 1.37
CA ARG A 47 -20.53 13.45 1.73
C ARG A 47 -19.79 13.90 0.46
N SER A 48 -19.56 13.03 -0.52
CA SER A 48 -18.86 13.49 -1.74
C SER A 48 -19.64 14.60 -2.42
N ASP A 49 -20.98 14.56 -2.35
CA ASP A 49 -21.80 15.63 -3.01
C ASP A 49 -21.54 16.92 -2.24
N ASP A 50 -21.47 16.83 -0.92
CA ASP A 50 -21.15 18.02 -0.08
C ASP A 50 -19.75 18.52 -0.39
N GLN A 51 -18.79 17.64 -0.64
CA GLN A 51 -17.42 18.10 -0.91
C GLN A 51 -17.46 18.93 -2.19
N VAL A 52 -18.34 18.65 -3.16
CA VAL A 52 -18.45 19.50 -4.37
C VAL A 52 -18.84 20.90 -3.88
N VAL A 53 -19.83 21.02 -3.00
CA VAL A 53 -20.28 22.34 -2.51
C VAL A 53 -19.10 23.02 -1.81
N SER A 54 -18.36 22.29 -0.98
CA SER A 54 -17.23 22.85 -0.22
C SER A 54 -16.07 23.28 -1.15
N GLY A 55 -15.98 22.71 -2.35
CA GLY A 55 -14.86 22.89 -3.28
C GLY A 55 -13.67 22.00 -2.99
N THR A 56 -13.80 21.02 -2.07
CA THR A 56 -12.68 20.12 -1.73
C THR A 56 -12.66 18.90 -2.67
N LEU A 57 -13.81 18.59 -3.28
CA LEU A 57 -13.88 17.71 -4.47
C LEU A 57 -14.23 18.59 -5.66
N VAL A 58 -13.24 18.79 -6.52
CA VAL A 58 -13.36 19.79 -7.60
C VAL A 58 -13.99 19.11 -8.81
N THR A 59 -15.01 19.78 -9.36
CA THR A 59 -15.65 19.44 -10.63
C THR A 59 -16.19 20.74 -11.19
N PRO A 60 -16.21 20.89 -12.53
CA PRO A 60 -16.71 22.14 -13.10
C PRO A 60 -18.11 22.56 -12.65
N LEU A 61 -18.24 23.83 -12.31
CA LEU A 61 -19.53 24.47 -12.01
C LEU A 61 -19.92 25.38 -13.16
N PRO A 62 -21.21 25.72 -13.34
CA PRO A 62 -22.32 25.19 -12.54
C PRO A 62 -22.55 23.71 -12.83
N VAL A 63 -23.17 23.01 -11.87
CA VAL A 63 -23.31 21.51 -11.99
C VAL A 63 -24.63 21.03 -11.40
N ILE A 64 -25.11 19.92 -11.94
CA ILE A 64 -26.10 19.05 -11.27
C ILE A 64 -25.32 17.89 -10.62
N ALA A 65 -25.22 17.93 -9.30
CA ALA A 65 -24.50 16.89 -8.54
C ALA A 65 -25.45 15.70 -8.34
N GLY A 66 -25.08 14.84 -7.40
CA GLY A 66 -25.83 13.62 -7.13
C GLY A 66 -25.27 12.44 -7.90
N HIS A 67 -25.00 11.35 -7.19
CA HIS A 67 -24.42 10.15 -7.83
C HIS A 67 -24.87 8.82 -7.19
N GLU A 68 -25.67 8.89 -6.13
CA GLU A 68 -26.17 7.71 -5.36
C GLU A 68 -27.69 7.66 -5.59
N ALA A 69 -28.16 6.85 -6.49
CA ALA A 69 -29.57 6.98 -6.90
C ALA A 69 -30.08 5.73 -7.56
N ALA A 70 -31.39 5.74 -7.74
CA ALA A 70 -32.06 4.73 -8.55
C ALA A 70 -33.25 5.36 -9.25
N GLY A 71 -33.54 4.82 -10.42
CA GLY A 71 -34.71 5.33 -11.15
C GLY A 71 -35.23 4.33 -12.17
N ILE A 72 -36.05 4.84 -13.10
CA ILE A 72 -36.73 4.02 -14.13
C ILE A 72 -36.38 4.62 -15.50
N VAL A 73 -35.89 3.80 -16.42
CA VAL A 73 -35.55 4.26 -17.79
C VAL A 73 -36.78 4.88 -18.47
N GLU A 74 -36.65 6.12 -18.93
CA GLU A 74 -37.68 6.86 -19.71
C GLU A 74 -37.47 6.54 -21.20
N SER A 75 -36.24 6.55 -21.70
CA SER A 75 -35.97 6.23 -23.11
C SER A 75 -34.51 5.86 -23.29
N ILE A 76 -34.21 5.26 -24.41
CA ILE A 76 -32.83 4.81 -24.73
C ILE A 76 -32.47 5.39 -26.09
N GLY A 77 -31.22 5.78 -26.24
CA GLY A 77 -30.69 6.19 -27.54
C GLY A 77 -30.42 5.01 -28.43
N GLU A 78 -30.07 5.32 -29.66
CA GLU A 78 -29.74 4.28 -30.67
C GLU A 78 -28.61 3.42 -30.13
N GLY A 79 -28.74 2.12 -30.32
CA GLY A 79 -27.63 1.18 -30.09
C GLY A 79 -27.57 0.68 -28.67
N VAL A 80 -28.39 1.22 -27.76
CA VAL A 80 -28.41 0.71 -26.35
C VAL A 80 -28.95 -0.73 -26.34
N THR A 81 -28.28 -1.63 -25.65
CA THR A 81 -28.63 -3.07 -25.60
C THR A 81 -28.86 -3.56 -24.18
N THR A 82 -28.45 -2.83 -23.13
CA THR A 82 -28.35 -3.40 -21.75
C THR A 82 -29.47 -2.91 -20.84
N VAL A 83 -30.29 -1.98 -21.29
CA VAL A 83 -31.50 -1.56 -20.55
C VAL A 83 -32.56 -1.21 -21.58
N ARG A 84 -33.79 -1.17 -21.12
CA ARG A 84 -34.97 -0.81 -21.92
C ARG A 84 -35.81 0.17 -21.13
N PRO A 85 -36.67 0.92 -21.83
CA PRO A 85 -37.63 1.76 -21.14
C PRO A 85 -38.46 0.95 -20.15
N GLY A 86 -38.69 1.51 -18.95
CA GLY A 86 -39.43 0.87 -17.86
C GLY A 86 -38.53 0.05 -16.95
N ASP A 87 -37.31 -0.23 -17.34
CA ASP A 87 -36.37 -0.96 -16.44
C ASP A 87 -36.01 -0.11 -15.22
N LYS A 88 -35.89 -0.75 -14.06
CA LYS A 88 -35.26 -0.13 -12.86
C LYS A 88 -33.75 -0.16 -13.04
N VAL A 89 -33.12 0.98 -12.76
CA VAL A 89 -31.65 1.13 -12.99
C VAL A 89 -31.00 1.92 -11.86
N ILE A 90 -29.71 1.64 -11.66
CA ILE A 90 -28.84 2.47 -10.80
C ILE A 90 -27.75 3.07 -11.69
N PRO A 91 -27.67 4.40 -11.72
CA PRO A 91 -26.52 5.05 -12.38
C PRO A 91 -25.22 4.63 -11.68
N LEU A 92 -24.18 4.52 -12.47
CA LEU A 92 -22.85 4.06 -12.03
C LEU A 92 -21.87 5.25 -12.11
N PHE A 93 -21.54 5.82 -10.99
CA PHE A 93 -20.62 6.98 -10.97
C PHE A 93 -19.22 6.56 -11.36
N THR A 94 -18.85 5.29 -11.18
CA THR A 94 -17.65 4.70 -11.80
C THR A 94 -18.17 3.88 -12.95
N PRO A 95 -17.90 4.25 -14.22
CA PRO A 95 -18.41 3.46 -15.33
C PRO A 95 -17.72 2.10 -15.42
N GLN A 96 -18.31 1.23 -16.21
CA GLN A 96 -17.63 -0.04 -16.62
C GLN A 96 -17.71 -0.19 -18.13
N CYS A 97 -16.75 0.35 -18.86
CA CYS A 97 -16.78 0.30 -20.34
C CYS A 97 -16.58 -1.14 -20.85
N GLY A 98 -15.91 -1.98 -20.06
CA GLY A 98 -15.66 -3.39 -20.42
C GLY A 98 -14.55 -3.57 -21.45
N LYS A 99 -13.92 -2.50 -21.92
CA LYS A 99 -12.93 -2.57 -23.04
C LYS A 99 -11.53 -2.10 -22.60
N CYS A 100 -11.42 -1.28 -21.55
CA CYS A 100 -10.12 -0.63 -21.20
C CYS A 100 -9.28 -1.62 -20.40
N ARG A 101 -8.00 -1.31 -20.22
CA ARG A 101 -7.09 -2.24 -19.51
C ARG A 101 -7.60 -2.49 -18.10
N VAL A 102 -8.21 -1.49 -17.47
CA VAL A 102 -8.70 -1.64 -16.06
C VAL A 102 -9.90 -2.60 -16.10
N CYS A 103 -10.86 -2.34 -16.94
CA CYS A 103 -12.08 -3.19 -17.00
C CYS A 103 -11.67 -4.64 -17.28
N LYS A 104 -10.63 -4.89 -18.09
CA LYS A 104 -10.20 -6.27 -18.43
C LYS A 104 -9.34 -6.88 -17.31
N HIS A 105 -8.90 -6.11 -16.33
CA HIS A 105 -7.98 -6.57 -15.27
C HIS A 105 -8.81 -7.27 -14.22
N PRO A 106 -8.37 -8.41 -13.65
CA PRO A 106 -9.21 -9.14 -12.71
C PRO A 106 -9.56 -8.34 -11.46
N GLU A 107 -8.70 -7.41 -11.04
CA GLU A 107 -8.88 -6.67 -9.76
CA GLU A 107 -8.83 -6.61 -9.77
C GLU A 107 -9.48 -5.29 -10.08
C GLU A 107 -9.00 -5.10 -10.00
N GLY A 108 -9.00 -4.65 -11.14
N GLY A 108 -9.07 -4.67 -11.23
CA GLY A 108 -9.26 -3.22 -11.44
C GLY A 108 -10.74 -2.89 -11.53
N ASN A 109 -11.12 -1.71 -11.03
CA ASN A 109 -12.51 -1.23 -11.25
C ASN A 109 -12.56 0.21 -11.72
N PHE A 110 -11.48 0.96 -11.57
CA PHE A 110 -11.51 2.43 -11.81
C PHE A 110 -11.32 2.61 -13.32
N CYS A 111 -12.38 2.33 -14.06
CA CYS A 111 -12.46 2.38 -15.53
C CYS A 111 -11.90 3.70 -16.04
N LEU A 112 -11.09 3.61 -17.07
CA LEU A 112 -10.42 4.80 -17.66
C LEU A 112 -11.43 5.79 -18.24
N LYS A 113 -12.71 5.45 -18.36
CA LYS A 113 -13.73 6.42 -18.85
C LYS A 113 -14.33 7.24 -17.72
N ASN A 114 -13.91 7.03 -16.50
CA ASN A 114 -14.39 7.77 -15.32
C ASN A 114 -14.19 9.27 -15.53
N ASP A 115 -15.03 10.05 -14.88
CA ASP A 115 -14.94 11.53 -14.89
C ASP A 115 -14.52 12.04 -13.50
N LEU A 116 -13.86 11.22 -12.66
CA LEU A 116 -13.46 11.62 -11.30
C LEU A 116 -12.01 12.14 -11.27
N SER A 117 -11.06 11.50 -11.97
CA SER A 117 -9.60 11.82 -11.94
CA SER A 117 -9.62 11.85 -11.85
C SER A 117 -9.34 13.23 -12.46
N MET A 118 -9.88 13.52 -13.63
CA MET A 118 -9.66 14.83 -14.31
CA MET A 118 -9.66 14.82 -14.33
C MET A 118 -11.01 15.31 -14.81
N PRO A 119 -11.87 15.80 -13.90
CA PRO A 119 -13.29 15.94 -14.21
C PRO A 119 -13.55 16.98 -15.29
N ARG A 120 -14.33 16.59 -16.29
CA ARG A 120 -14.81 17.50 -17.36
C ARG A 120 -16.23 17.94 -17.08
N GLY A 121 -17.02 17.16 -16.32
CA GLY A 121 -18.43 17.50 -16.11
C GLY A 121 -19.29 17.37 -17.35
N THR A 122 -19.04 16.37 -18.22
CA THR A 122 -19.77 16.11 -19.46
C THR A 122 -20.25 14.68 -19.51
N MET A 123 -20.97 14.38 -20.56
CA MET A 123 -21.17 13.04 -21.12
C MET A 123 -19.86 12.51 -21.70
N GLN A 124 -19.79 11.24 -22.07
CA GLN A 124 -18.57 10.67 -22.70
C GLN A 124 -18.21 11.50 -23.94
N ASP A 125 -19.17 12.05 -24.65
CA ASP A 125 -18.88 12.80 -25.91
C ASP A 125 -18.38 14.24 -25.64
N GLY A 126 -18.16 14.65 -24.41
CA GLY A 126 -17.60 15.98 -24.06
C GLY A 126 -18.63 17.09 -24.17
N THR A 127 -19.91 16.76 -24.18
CA THR A 127 -21.01 17.73 -24.20
C THR A 127 -21.99 17.48 -23.07
N SER A 128 -22.89 18.42 -22.86
CA SER A 128 -23.88 18.38 -21.76
C SER A 128 -25.28 18.21 -22.33
N ARG A 129 -26.11 17.45 -21.62
CA ARG A 129 -27.53 17.27 -21.89
C ARG A 129 -28.41 18.25 -21.13
N PHE A 130 -27.85 19.17 -20.36
CA PHE A 130 -28.59 20.03 -19.42
C PHE A 130 -28.44 21.51 -19.81
N THR A 131 -29.55 22.22 -19.80
CA THR A 131 -29.61 23.69 -19.95
C THR A 131 -30.44 24.23 -18.81
N CYS A 132 -30.07 25.37 -18.25
CA CYS A 132 -30.82 26.07 -17.19
C CYS A 132 -30.66 27.58 -17.41
N ARG A 133 -31.77 28.28 -17.52
CA ARG A 133 -31.76 29.72 -17.83
C ARG A 133 -31.08 29.91 -19.19
N GLY A 134 -31.17 28.93 -20.08
CA GLY A 134 -30.53 28.98 -21.40
C GLY A 134 -29.03 28.75 -21.33
N LYS A 135 -28.46 28.41 -20.18
CA LYS A 135 -26.99 28.23 -19.99
C LYS A 135 -26.71 26.74 -19.89
N PRO A 136 -25.67 26.18 -20.54
CA PRO A 136 -25.32 24.76 -20.34
C PRO A 136 -24.84 24.52 -18.90
N ILE A 137 -25.26 23.39 -18.31
CA ILE A 137 -24.94 22.99 -16.93
C ILE A 137 -24.11 21.70 -17.00
N HIS A 138 -23.06 21.62 -16.19
CA HIS A 138 -22.16 20.47 -16.06
CA HIS A 138 -22.20 20.42 -16.17
C HIS A 138 -22.92 19.25 -15.50
N HIS A 139 -22.53 18.09 -15.95
CA HIS A 139 -22.83 16.79 -15.29
C HIS A 139 -21.82 16.60 -14.16
N PHE A 140 -22.09 15.58 -13.34
CA PHE A 140 -21.20 15.17 -12.23
C PHE A 140 -21.01 13.67 -12.26
N LEU A 141 -19.77 13.20 -12.38
CA LEU A 141 -19.37 11.79 -12.46
C LEU A 141 -20.24 11.00 -13.44
N GLY A 142 -20.70 11.63 -14.54
CA GLY A 142 -21.54 10.97 -15.55
C GLY A 142 -22.91 10.60 -15.05
N THR A 143 -23.34 11.07 -13.86
CA THR A 143 -24.63 10.60 -13.30
C THR A 143 -25.59 11.76 -13.06
N SER A 144 -25.26 12.78 -12.29
CA SER A 144 -26.12 13.97 -12.10
C SER A 144 -27.53 13.53 -11.66
N THR A 145 -27.64 12.98 -10.46
CA THR A 145 -28.89 12.35 -9.99
C THR A 145 -29.75 13.33 -9.21
N PHE A 146 -29.33 14.60 -8.99
CA PHE A 146 -30.16 15.62 -8.29
C PHE A 146 -31.05 16.30 -9.33
N SER A 147 -31.82 15.49 -10.05
CA SER A 147 -32.69 15.97 -11.16
C SER A 147 -33.81 14.96 -11.36
N GLN A 148 -35.00 15.44 -11.66
CA GLN A 148 -36.12 14.50 -11.92
C GLN A 148 -35.81 13.61 -13.10
N TYR A 149 -34.99 14.07 -14.04
CA TYR A 149 -34.53 13.28 -15.22
C TYR A 149 -33.04 13.57 -15.41
N THR A 150 -32.31 12.52 -15.69
CA THR A 150 -30.90 12.66 -16.08
C THR A 150 -30.70 11.83 -17.35
N VAL A 151 -29.56 12.11 -17.99
CA VAL A 151 -29.07 11.31 -19.13
C VAL A 151 -27.68 10.79 -18.79
N VAL A 152 -27.49 9.49 -18.98
CA VAL A 152 -26.19 8.86 -18.66
C VAL A 152 -25.73 8.08 -19.87
N ASP A 153 -24.42 7.91 -19.99
CA ASP A 153 -23.89 6.99 -20.99
C ASP A 153 -24.27 5.57 -20.57
N GLU A 154 -24.40 4.67 -21.53
CA GLU A 154 -24.79 3.28 -21.26
C GLU A 154 -23.78 2.59 -20.33
N ILE A 155 -22.50 2.87 -20.48
CA ILE A 155 -21.48 2.26 -19.58
C ILE A 155 -21.60 2.79 -18.12
N SER A 156 -22.48 3.74 -17.87
CA SER A 156 -22.73 4.35 -16.53
C SER A 156 -24.15 4.02 -16.05
N VAL A 157 -24.69 2.88 -16.47
CA VAL A 157 -25.98 2.44 -15.89
C VAL A 157 -26.09 0.92 -15.85
N ALA A 158 -26.71 0.43 -14.80
CA ALA A 158 -27.00 -1.01 -14.63
C ALA A 158 -28.50 -1.20 -14.45
N LYS A 159 -28.99 -2.23 -15.13
CA LYS A 159 -30.35 -2.75 -14.90
C LYS A 159 -30.36 -3.56 -13.61
N ILE A 160 -31.36 -3.32 -12.78
CA ILE A 160 -31.54 -4.07 -11.51
C ILE A 160 -32.91 -4.75 -11.47
N ASP A 161 -33.09 -5.56 -10.43
CA ASP A 161 -34.33 -6.38 -10.27
CA ASP A 161 -34.33 -6.35 -10.19
C ASP A 161 -35.57 -5.47 -10.35
N ALA A 162 -36.52 -5.87 -11.20
CA ALA A 162 -37.77 -5.12 -11.42
C ALA A 162 -38.57 -4.95 -10.12
N ALA A 163 -38.38 -5.82 -9.13
CA ALA A 163 -39.13 -5.73 -7.86
C ALA A 163 -38.36 -4.95 -6.79
N SER A 164 -37.19 -4.36 -7.09
CA SER A 164 -36.42 -3.78 -5.99
C SER A 164 -37.00 -2.45 -5.53
N PRO A 165 -36.88 -2.19 -4.22
CA PRO A 165 -37.39 -0.98 -3.58
C PRO A 165 -36.36 0.14 -3.82
N LEU A 166 -36.66 1.02 -4.75
CA LEU A 166 -35.67 2.02 -5.21
C LEU A 166 -35.31 2.99 -4.08
N GLU A 167 -36.17 3.25 -3.10
CA GLU A 167 -35.91 4.17 -1.99
C GLU A 167 -34.87 3.56 -1.01
N LYS A 168 -34.57 2.27 -1.16
CA LYS A 168 -33.51 1.59 -0.40
C LYS A 168 -32.31 1.33 -1.29
N VAL A 169 -32.50 0.70 -2.48
CA VAL A 169 -31.35 0.18 -3.25
C VAL A 169 -30.57 1.34 -3.88
N CYS A 170 -31.03 2.59 -3.82
CA CYS A 170 -30.21 3.75 -4.27
C CYS A 170 -28.89 3.73 -3.55
N LEU A 171 -28.83 3.27 -2.30
CA LEU A 171 -27.58 3.25 -1.53
C LEU A 171 -26.55 2.28 -2.15
N ILE A 172 -26.96 1.29 -2.91
CA ILE A 172 -26.02 0.39 -3.62
C ILE A 172 -25.27 1.21 -4.68
N GLY A 173 -25.83 2.34 -5.10
CA GLY A 173 -25.16 3.21 -6.08
C GLY A 173 -24.01 3.95 -5.43
N CYS A 174 -23.86 4.06 -4.11
CA CYS A 174 -22.57 4.56 -3.58
C CYS A 174 -22.28 4.02 -2.20
N GLY A 175 -22.95 4.55 -1.20
CA GLY A 175 -22.41 4.45 0.16
C GLY A 175 -22.26 3.00 0.65
N PHE A 176 -23.28 2.17 0.44
CA PHE A 176 -23.23 0.79 0.93
C PHE A 176 -22.10 0.05 0.18
N SER A 177 -22.08 0.12 -1.13
CA SER A 177 -21.15 -0.70 -1.96
C SER A 177 -19.73 -0.25 -1.68
N THR A 178 -19.56 1.06 -1.56
CA THR A 178 -18.21 1.63 -1.32
C THR A 178 -17.69 1.10 0.01
N GLY A 179 -18.44 1.26 1.10
CA GLY A 179 -17.91 0.79 2.41
C GLY A 179 -17.77 -0.72 2.47
N TYR A 180 -18.81 -1.44 2.04
CA TYR A 180 -18.85 -2.91 2.15
C TYR A 180 -17.73 -3.54 1.33
N GLY A 181 -17.57 -3.09 0.08
CA GLY A 181 -16.49 -3.57 -0.80
C GLY A 181 -15.13 -3.21 -0.23
N SER A 182 -14.95 -2.00 0.35
CA SER A 182 -13.64 -1.64 0.93
C SER A 182 -13.19 -2.74 1.89
N ALA A 183 -14.11 -3.27 2.66
CA ALA A 183 -13.78 -4.31 3.67
C ALA A 183 -13.64 -5.67 2.99
N VAL A 184 -14.62 -6.11 2.22
CA VAL A 184 -14.65 -7.54 1.78
C VAL A 184 -13.83 -7.74 0.52
N LYS A 185 -13.68 -6.75 -0.35
CA LYS A 185 -12.98 -6.95 -1.62
C LYS A 185 -11.59 -6.29 -1.62
N VAL A 186 -11.45 -5.06 -1.11
CA VAL A 186 -10.19 -4.29 -1.17
C VAL A 186 -9.27 -4.77 -0.03
N ALA A 187 -9.69 -4.63 1.23
CA ALA A 187 -8.89 -5.10 2.37
C ALA A 187 -8.87 -6.64 2.42
N LYS A 188 -9.98 -7.30 2.08
CA LYS A 188 -10.17 -8.78 2.24
C LYS A 188 -9.96 -9.11 3.71
N VAL A 189 -10.73 -8.47 4.55
CA VAL A 189 -10.74 -8.68 6.01
C VAL A 189 -10.89 -10.18 6.30
N THR A 190 -10.08 -10.69 7.22
CA THR A 190 -10.08 -12.13 7.60
C THR A 190 -10.86 -12.41 8.88
N GLN A 191 -11.28 -13.68 8.98
CA GLN A 191 -11.99 -14.15 10.18
C GLN A 191 -11.06 -14.00 11.39
N GLY A 192 -11.58 -13.49 12.47
CA GLY A 192 -10.87 -13.38 13.75
C GLY A 192 -9.95 -12.16 13.84
N SER A 193 -9.94 -11.30 12.81
CA SER A 193 -9.04 -10.13 12.76
C SER A 193 -9.58 -8.96 13.59
N THR A 194 -8.75 -7.96 13.86
CA THR A 194 -9.08 -6.68 14.52
C THR A 194 -9.03 -5.55 13.50
N CYS A 195 -10.15 -4.90 13.30
CA CYS A 195 -10.31 -3.79 12.34
C CYS A 195 -10.49 -2.49 13.12
N ALA A 196 -10.07 -1.37 12.57
CA ALA A 196 -10.34 0.00 13.03
C ALA A 196 -10.96 0.75 11.87
N VAL A 197 -12.08 1.39 12.12
CA VAL A 197 -12.81 2.14 11.07
C VAL A 197 -12.88 3.58 11.51
N PHE A 198 -12.21 4.46 10.78
CA PHE A 198 -12.19 5.91 11.03
C PHE A 198 -13.30 6.58 10.23
N GLY A 199 -14.31 7.07 10.95
CA GLY A 199 -15.46 7.75 10.37
C GLY A 199 -16.64 6.83 10.30
N LEU A 200 -17.71 7.22 10.99
CA LEU A 200 -18.89 6.36 11.22
C LEU A 200 -20.12 6.94 10.55
N GLY A 201 -19.96 7.52 9.38
CA GLY A 201 -21.08 7.92 8.53
C GLY A 201 -21.58 6.77 7.68
N GLY A 202 -22.36 7.04 6.65
CA GLY A 202 -22.96 5.99 5.84
C GLY A 202 -21.88 5.05 5.29
N VAL A 203 -20.77 5.58 4.81
CA VAL A 203 -19.76 4.71 4.18
C VAL A 203 -19.00 3.93 5.29
N GLY A 204 -18.67 4.57 6.40
CA GLY A 204 -17.99 3.85 7.51
C GLY A 204 -18.84 2.74 8.09
N LEU A 205 -20.13 3.00 8.22
CA LEU A 205 -21.03 1.96 8.77
C LEU A 205 -21.05 0.79 7.84
N SER A 206 -20.99 1.03 6.53
CA SER A 206 -20.98 -0.05 5.51
C SER A 206 -19.64 -0.81 5.58
N VAL A 207 -18.54 -0.11 5.85
CA VAL A 207 -17.26 -0.82 6.12
C VAL A 207 -17.43 -1.72 7.33
N ILE A 208 -18.08 -1.24 8.41
CA ILE A 208 -18.30 -2.12 9.57
C ILE A 208 -19.13 -3.32 9.16
N MET A 209 -20.21 -3.09 8.45
CA MET A 209 -21.02 -4.21 7.96
C MET A 209 -20.14 -5.26 7.28
N GLY A 210 -19.25 -4.82 6.42
CA GLY A 210 -18.38 -5.70 5.65
C GLY A 210 -17.36 -6.38 6.57
N CYS A 211 -16.81 -5.67 7.55
CA CYS A 211 -15.86 -6.31 8.49
C CYS A 211 -16.61 -7.41 9.25
N LYS A 212 -17.85 -7.17 9.65
CA LYS A 212 -18.62 -8.15 10.47
C LYS A 212 -18.96 -9.34 9.57
N ALA A 213 -19.33 -9.10 8.33
CA ALA A 213 -19.67 -10.16 7.37
C ALA A 213 -18.46 -11.05 7.13
N ALA A 214 -17.25 -10.49 7.16
CA ALA A 214 -16.00 -11.21 6.91
C ALA A 214 -15.56 -11.96 8.18
N GLY A 215 -16.19 -11.69 9.31
CA GLY A 215 -15.95 -12.47 10.54
C GLY A 215 -14.88 -11.87 11.43
N ALA A 216 -14.61 -10.56 11.32
CA ALA A 216 -13.66 -9.87 12.23
C ALA A 216 -14.07 -10.15 13.67
N ALA A 217 -13.12 -10.40 14.55
CA ALA A 217 -13.43 -10.54 16.01
C ALA A 217 -13.62 -9.19 16.71
N ARG A 218 -12.96 -8.10 16.29
CA ARG A 218 -12.98 -6.79 16.97
C ARG A 218 -13.07 -5.76 15.85
N ILE A 219 -14.01 -4.85 16.01
CA ILE A 219 -14.21 -3.75 15.03
C ILE A 219 -14.30 -2.50 15.84
N ILE A 220 -13.28 -1.67 15.82
CA ILE A 220 -13.17 -0.47 16.67
C ILE A 220 -13.58 0.72 15.82
N GLY A 221 -14.72 1.31 16.10
CA GLY A 221 -15.17 2.53 15.44
C GLY A 221 -14.44 3.72 16.02
N VAL A 222 -14.06 4.66 15.16
CA VAL A 222 -13.36 5.89 15.54
C VAL A 222 -14.11 7.08 14.98
N ASP A 223 -14.56 7.96 15.85
CA ASP A 223 -15.25 9.19 15.36
C ASP A 223 -15.11 10.27 16.45
N ILE A 224 -15.00 11.53 16.06
CA ILE A 224 -15.03 12.65 17.03
C ILE A 224 -16.47 12.99 17.42
N ASN A 225 -17.47 12.46 16.72
CA ASN A 225 -18.89 12.65 17.07
C ASN A 225 -19.38 11.40 17.79
N LYS A 226 -19.45 11.42 19.13
CA LYS A 226 -19.84 10.22 19.89
C LYS A 226 -21.31 9.86 19.63
N ASP A 227 -22.13 10.75 19.06
CA ASP A 227 -23.52 10.40 18.70
C ASP A 227 -23.57 9.29 17.64
N LYS A 228 -22.44 9.02 16.95
CA LYS A 228 -22.36 8.05 15.83
C LYS A 228 -22.15 6.62 16.39
N PHE A 229 -21.85 6.52 17.68
CA PHE A 229 -21.35 5.25 18.27
C PHE A 229 -22.46 4.23 18.38
N ALA A 230 -23.67 4.66 18.79
CA ALA A 230 -24.75 3.68 19.05
C ALA A 230 -25.02 2.88 17.77
N LYS A 231 -25.17 3.59 16.63
CA LYS A 231 -25.50 2.91 15.36
C LYS A 231 -24.30 2.07 14.90
N ALA A 232 -23.08 2.54 15.10
CA ALA A 232 -21.90 1.72 14.76
C ALA A 232 -21.91 0.38 15.51
N LYS A 233 -22.30 0.40 16.78
CA LYS A 233 -22.37 -0.88 17.55
C LYS A 233 -23.53 -1.74 17.03
N GLU A 234 -24.64 -1.10 16.66
CA GLU A 234 -25.79 -1.89 16.16
C GLU A 234 -25.34 -2.70 14.93
N VAL A 235 -24.53 -2.15 14.02
CA VAL A 235 -24.14 -2.87 12.79
C VAL A 235 -22.82 -3.63 12.93
N GLY A 236 -22.21 -3.67 14.12
CA GLY A 236 -21.12 -4.61 14.37
C GLY A 236 -19.91 -4.05 15.07
N ALA A 237 -19.79 -2.76 15.42
CA ALA A 237 -18.61 -2.27 16.13
C ALA A 237 -18.59 -2.94 17.50
N THR A 238 -17.47 -3.47 17.94
CA THR A 238 -17.34 -4.06 19.29
C THR A 238 -17.03 -3.00 20.33
C THR A 238 -16.95 -3.01 20.34
N GLU A 239 -16.60 -1.83 19.91
N GLU A 239 -16.29 -1.92 19.95
CA GLU A 239 -16.12 -0.74 20.77
CA GLU A 239 -15.91 -0.77 20.79
C GLU A 239 -15.93 0.52 19.92
C GLU A 239 -15.94 0.49 19.92
N CYS A 240 -16.10 1.67 20.52
CA CYS A 240 -15.94 2.95 19.81
C CYS A 240 -15.04 3.83 20.63
N VAL A 241 -14.23 4.63 19.95
CA VAL A 241 -13.34 5.58 20.65
C VAL A 241 -13.45 6.91 19.96
N ASN A 242 -13.46 7.96 20.77
CA ASN A 242 -13.40 9.37 20.32
C ASN A 242 -12.00 9.92 20.59
N PRO A 243 -11.20 10.24 19.54
CA PRO A 243 -9.86 10.79 19.75
C PRO A 243 -9.81 11.99 20.70
N GLN A 244 -10.90 12.77 20.80
CA GLN A 244 -10.93 13.99 21.63
C GLN A 244 -10.89 13.60 23.12
N ASP A 245 -11.16 12.32 23.45
CA ASP A 245 -11.19 11.85 24.87
C ASP A 245 -9.79 11.53 25.38
N TYR A 246 -8.76 11.45 24.51
CA TYR A 246 -7.43 10.95 24.86
C TYR A 246 -6.39 12.05 24.84
N LYS A 247 -5.40 11.92 25.71
CA LYS A 247 -4.22 12.81 25.70
C LYS A 247 -3.26 12.36 24.60
N LYS A 248 -3.21 11.07 24.31
CA LYS A 248 -2.23 10.56 23.34
C LYS A 248 -2.87 10.54 21.97
N PRO A 249 -2.08 10.57 20.89
CA PRO A 249 -2.65 10.44 19.55
C PRO A 249 -3.37 9.09 19.40
N ILE A 250 -4.42 9.06 18.60
CA ILE A 250 -5.26 7.84 18.61
C ILE A 250 -4.50 6.65 17.98
N GLN A 251 -3.49 6.88 17.13
CA GLN A 251 -2.74 5.71 16.59
C GLN A 251 -2.10 4.98 17.77
N GLU A 252 -1.62 5.70 18.77
CA GLU A 252 -0.97 5.06 19.94
CA GLU A 252 -0.97 5.04 19.93
C GLU A 252 -2.03 4.32 20.77
N VAL A 253 -3.19 4.95 20.97
CA VAL A 253 -4.30 4.28 21.68
C VAL A 253 -4.70 2.99 21.00
N LEU A 254 -4.88 3.05 19.68
CA LEU A 254 -5.35 1.87 18.93
C LEU A 254 -4.28 0.78 18.91
N THR A 255 -3.00 1.19 18.83
CA THR A 255 -1.88 0.23 18.90
C THR A 255 -1.91 -0.48 20.27
N GLU A 256 -2.14 0.27 21.35
CA GLU A 256 -2.21 -0.34 22.72
C GLU A 256 -3.40 -1.29 22.79
N MET A 257 -4.55 -0.86 22.30
CA MET A 257 -5.80 -1.63 22.40
C MET A 257 -5.70 -2.98 21.69
N SER A 258 -4.97 -2.97 20.58
CA SER A 258 -4.85 -4.14 19.68
C SER A 258 -3.54 -4.89 19.98
N ASN A 259 -2.93 -4.65 21.14
CA ASN A 259 -1.68 -5.34 21.57
C ASN A 259 -0.66 -5.35 20.42
N GLY A 260 -0.45 -4.20 19.80
CA GLY A 260 0.63 -4.04 18.83
C GLY A 260 0.19 -3.58 17.46
N GLY A 261 -1.05 -3.22 17.25
CA GLY A 261 -1.56 -2.65 15.99
C GLY A 261 -2.63 -3.53 15.40
N VAL A 262 -3.53 -2.93 14.62
CA VAL A 262 -4.71 -3.67 14.09
C VAL A 262 -4.36 -4.41 12.79
N ASP A 263 -5.12 -5.42 12.41
CA ASP A 263 -4.94 -6.18 11.15
C ASP A 263 -5.29 -5.25 9.99
N PHE A 264 -6.42 -4.58 10.08
CA PHE A 264 -7.01 -3.75 9.00
C PHE A 264 -7.48 -2.43 9.56
N SER A 265 -7.13 -1.34 8.91
CA SER A 265 -7.67 -0.02 9.24
C SER A 265 -8.21 0.63 7.99
N PHE A 266 -9.20 1.47 8.15
CA PHE A 266 -9.95 2.14 7.06
C PHE A 266 -10.08 3.59 7.41
N GLU A 267 -9.67 4.50 6.51
CA GLU A 267 -9.95 5.94 6.63
C GLU A 267 -11.16 6.23 5.77
N VAL A 268 -12.24 6.60 6.47
CA VAL A 268 -13.55 6.82 5.83
C VAL A 268 -14.05 8.21 6.22
N ILE A 269 -13.19 9.20 6.12
CA ILE A 269 -13.47 10.62 6.52
C ILE A 269 -13.13 11.57 5.37
N GLY A 270 -11.88 11.51 4.86
CA GLY A 270 -11.40 12.42 3.82
C GLY A 270 -10.41 13.45 4.35
N ARG A 271 -9.66 13.13 5.39
CA ARG A 271 -8.66 14.09 5.92
C ARG A 271 -7.25 13.52 5.77
N LEU A 272 -6.29 14.40 5.48
CA LEU A 272 -4.90 13.93 5.34
C LEU A 272 -4.39 13.37 6.68
N ASP A 273 -4.67 14.03 7.80
CA ASP A 273 -4.08 13.60 9.09
C ASP A 273 -4.61 12.21 9.45
N THR A 274 -5.91 11.97 9.31
CA THR A 274 -6.48 10.62 9.62
C THR A 274 -6.01 9.55 8.64
N MET A 275 -5.66 9.89 7.38
CA MET A 275 -5.12 8.87 6.46
C MET A 275 -3.78 8.34 7.02
N VAL A 276 -2.97 9.27 7.53
CA VAL A 276 -1.65 8.89 8.11
C VAL A 276 -1.86 8.14 9.43
N THR A 277 -2.74 8.63 10.31
CA THR A 277 -3.07 8.00 11.61
C THR A 277 -3.58 6.58 11.34
N ALA A 278 -4.46 6.40 10.37
CA ALA A 278 -5.05 5.08 10.08
C ALA A 278 -3.94 4.15 9.58
N LEU A 279 -3.01 4.63 8.76
CA LEU A 279 -1.88 3.76 8.36
C LEU A 279 -1.06 3.38 9.61
N SER A 280 -0.72 4.38 10.43
CA SER A 280 0.16 4.14 11.60
C SER A 280 -0.45 3.10 12.53
N CYS A 281 -1.76 3.10 12.76
CA CYS A 281 -2.37 2.21 13.76
C CYS A 281 -2.47 0.77 13.29
N CYS A 282 -2.18 0.45 12.02
CA CYS A 282 -2.14 -0.98 11.60
CA CYS A 282 -2.03 -0.93 11.51
C CYS A 282 -0.74 -1.56 11.99
N GLN A 283 -0.76 -2.86 12.25
CA GLN A 283 0.45 -3.58 12.73
C GLN A 283 1.59 -3.37 11.72
N GLU A 284 2.77 -2.99 12.22
CA GLU A 284 3.85 -2.46 11.35
C GLU A 284 4.37 -3.51 10.34
N ALA A 285 4.29 -4.80 10.64
CA ALA A 285 4.84 -5.86 9.76
C ALA A 285 3.81 -6.42 8.75
N TYR A 286 2.53 -6.47 9.08
CA TYR A 286 1.53 -7.19 8.25
C TYR A 286 0.18 -6.45 8.19
N GLY A 287 0.13 -5.29 8.82
CA GLY A 287 -1.12 -4.49 8.80
C GLY A 287 -1.47 -4.01 7.40
N VAL A 288 -2.75 -3.71 7.17
CA VAL A 288 -3.28 -3.23 5.87
C VAL A 288 -4.14 -2.03 6.20
N SER A 289 -3.90 -0.91 5.57
CA SER A 289 -4.74 0.29 5.72
C SER A 289 -5.35 0.67 4.40
N VAL A 290 -6.65 0.88 4.35
CA VAL A 290 -7.40 1.25 3.12
C VAL A 290 -7.90 2.68 3.25
N ILE A 291 -7.52 3.55 2.32
CA ILE A 291 -8.12 4.89 2.17
C ILE A 291 -9.41 4.78 1.34
N VAL A 292 -10.50 5.21 1.98
CA VAL A 292 -11.84 5.35 1.40
C VAL A 292 -12.23 6.82 1.30
N GLY A 293 -11.89 7.67 2.28
CA GLY A 293 -12.26 9.10 2.27
C GLY A 293 -11.68 9.77 1.02
N VAL A 294 -12.42 10.73 0.49
CA VAL A 294 -11.91 11.60 -0.60
C VAL A 294 -11.16 12.76 0.00
N PRO A 295 -9.83 12.85 -0.29
CA PRO A 295 -9.00 13.89 0.29
C PRO A 295 -9.24 15.22 -0.41
N PRO A 296 -8.81 16.31 0.26
CA PRO A 296 -9.06 17.64 -0.29
C PRO A 296 -8.17 17.90 -1.51
N ASP A 297 -8.79 18.53 -2.50
CA ASP A 297 -8.22 18.66 -3.86
C ASP A 297 -6.80 19.24 -3.80
N SER A 298 -5.87 18.58 -4.48
CA SER A 298 -4.51 19.09 -4.83
C SER A 298 -3.66 19.23 -3.57
N GLN A 299 -4.04 18.63 -2.43
CA GLN A 299 -3.26 18.72 -1.18
C GLN A 299 -2.45 17.43 -0.99
N ASN A 300 -1.19 17.56 -0.56
CA ASN A 300 -0.34 16.39 -0.31
C ASN A 300 -0.29 16.16 1.18
N LEU A 301 -0.15 14.91 1.56
CA LEU A 301 0.12 14.54 2.97
C LEU A 301 1.63 14.36 3.12
N SER A 302 2.06 14.34 4.38
CA SER A 302 3.46 14.08 4.75
C SER A 302 3.48 12.83 5.62
N MET A 303 4.36 11.89 5.30
CA MET A 303 4.48 10.64 6.06
C MET A 303 5.92 10.10 5.98
N ASN A 304 6.18 9.26 6.96
CA ASN A 304 7.51 8.62 7.14
C ASN A 304 7.46 7.27 6.45
N PRO A 305 8.20 7.06 5.34
CA PRO A 305 8.11 5.80 4.60
C PRO A 305 8.59 4.54 5.36
N MET A 306 9.26 4.72 6.50
CA MET A 306 9.56 3.57 7.40
C MET A 306 8.26 2.87 7.77
N LEU A 307 7.13 3.60 7.78
CA LEU A 307 5.84 2.95 8.11
C LEU A 307 5.54 1.81 7.14
N LEU A 308 5.94 1.97 5.88
CA LEU A 308 5.75 0.94 4.85
C LEU A 308 6.92 -0.07 4.84
N LEU A 309 8.14 0.40 5.05
CA LEU A 309 9.29 -0.51 4.86
C LEU A 309 9.22 -1.70 5.83
N SER A 310 8.61 -1.48 7.01
CA SER A 310 8.47 -2.55 8.01
C SER A 310 7.54 -3.68 7.53
N GLY A 311 6.62 -3.39 6.61
CA GLY A 311 5.76 -4.41 6.01
C GLY A 311 4.31 -3.95 5.81
N ARG A 312 3.93 -2.77 6.29
CA ARG A 312 2.52 -2.30 6.09
C ARG A 312 2.19 -2.25 4.60
N THR A 313 0.91 -2.45 4.32
CA THR A 313 0.30 -2.26 2.99
C THR A 313 -0.63 -1.06 3.09
N TRP A 314 -0.54 -0.12 2.18
CA TRP A 314 -1.41 1.05 2.11
C TRP A 314 -2.10 1.04 0.77
N LYS A 315 -3.39 1.11 0.70
CA LYS A 315 -4.04 1.20 -0.60
C LYS A 315 -5.30 2.01 -0.50
N GLY A 316 -5.87 2.35 -1.61
CA GLY A 316 -7.19 3.01 -1.61
C GLY A 316 -8.09 2.40 -2.66
N ALA A 317 -9.34 2.86 -2.72
CA ALA A 317 -10.26 2.38 -3.75
C ALA A 317 -11.44 3.34 -3.90
N ILE A 318 -11.94 3.36 -5.10
CA ILE A 318 -13.24 3.98 -5.46
C ILE A 318 -14.29 2.86 -5.49
N PHE A 319 -15.47 3.14 -4.94
CA PHE A 319 -16.67 2.28 -5.12
C PHE A 319 -16.36 0.87 -4.59
N GLY A 320 -15.57 0.77 -3.52
CA GLY A 320 -15.34 -0.52 -2.82
C GLY A 320 -14.61 -1.54 -3.68
N GLY A 321 -13.92 -1.11 -4.72
CA GLY A 321 -13.20 -1.98 -5.66
C GLY A 321 -14.12 -2.77 -6.57
N PHE A 322 -15.44 -2.54 -6.52
CA PHE A 322 -16.39 -3.29 -7.37
C PHE A 322 -16.34 -2.84 -8.84
N LYS A 323 -16.26 -3.81 -9.75
CA LYS A 323 -16.55 -3.53 -11.17
C LYS A 323 -18.03 -3.16 -11.22
N SER A 324 -18.36 -1.93 -11.56
CA SER A 324 -19.67 -1.35 -11.20
C SER A 324 -20.83 -2.07 -11.90
N LYS A 325 -20.76 -2.30 -13.20
CA LYS A 325 -21.95 -2.79 -13.94
C LYS A 325 -22.13 -4.29 -13.71
N ASP A 326 -21.07 -5.03 -13.49
CA ASP A 326 -21.20 -6.47 -13.12
C ASP A 326 -21.77 -6.54 -11.70
N SER A 327 -21.30 -5.69 -10.81
CA SER A 327 -21.50 -5.83 -9.34
C SER A 327 -22.85 -5.29 -8.86
N VAL A 328 -23.32 -4.17 -9.38
CA VAL A 328 -24.51 -3.50 -8.81
C VAL A 328 -25.73 -4.42 -8.92
N PRO A 329 -26.01 -5.10 -10.04
CA PRO A 329 -27.20 -5.97 -10.10
C PRO A 329 -27.08 -7.10 -9.10
N LYS A 330 -25.91 -7.65 -8.93
CA LYS A 330 -25.69 -8.78 -7.99
C LYS A 330 -25.93 -8.29 -6.56
N LEU A 331 -25.40 -7.12 -6.19
CA LEU A 331 -25.61 -6.52 -4.87
C LEU A 331 -27.10 -6.31 -4.67
N VAL A 332 -27.84 -5.75 -5.61
CA VAL A 332 -29.31 -5.68 -5.45
C VAL A 332 -29.91 -7.08 -5.24
N ALA A 333 -29.52 -8.07 -6.01
CA ALA A 333 -30.10 -9.46 -5.87
C ALA A 333 -29.80 -9.93 -4.45
N ASP A 334 -28.61 -9.66 -3.93
CA ASP A 334 -28.23 -10.12 -2.58
C ASP A 334 -29.05 -9.37 -1.53
N PHE A 335 -29.34 -8.09 -1.74
CA PHE A 335 -30.18 -7.33 -0.80
C PHE A 335 -31.58 -7.94 -0.78
N MET A 336 -32.11 -8.29 -1.95
CA MET A 336 -33.48 -8.87 -2.14
CA MET A 336 -33.49 -8.82 -1.98
C MET A 336 -33.53 -10.22 -1.39
N ALA A 337 -32.40 -10.90 -1.33
CA ALA A 337 -32.24 -12.22 -0.65
C ALA A 337 -31.80 -12.04 0.81
N LYS A 338 -31.85 -10.82 1.37
CA LYS A 338 -31.63 -10.47 2.78
C LYS A 338 -30.19 -10.83 3.18
N LYS A 339 -29.22 -10.69 2.27
CA LYS A 339 -27.80 -10.97 2.63
C LYS A 339 -27.14 -9.80 3.38
N PHE A 340 -27.69 -8.60 3.28
CA PHE A 340 -27.27 -7.42 4.06
C PHE A 340 -28.46 -6.49 4.19
N ALA A 341 -28.38 -5.55 5.11
CA ALA A 341 -29.43 -4.58 5.46
C ALA A 341 -28.98 -3.19 4.99
N LEU A 342 -29.93 -2.42 4.48
CA LEU A 342 -29.71 -1.00 4.13
C LEU A 342 -30.43 -0.05 5.11
N ASP A 343 -31.51 -0.49 5.79
CA ASP A 343 -32.25 0.40 6.71
C ASP A 343 -31.35 1.06 7.77
N PRO A 344 -30.32 0.38 8.36
CA PRO A 344 -29.53 1.05 9.38
C PRO A 344 -28.85 2.31 8.87
N LEU A 345 -28.67 2.42 7.55
CA LEU A 345 -28.01 3.61 6.97
C LEU A 345 -28.97 4.77 6.79
N ILE A 346 -30.26 4.47 6.75
CA ILE A 346 -31.28 5.46 6.37
C ILE A 346 -31.81 6.05 7.67
N THR A 347 -31.46 7.28 7.95
CA THR A 347 -31.88 7.98 9.20
C THR A 347 -33.00 8.96 8.90
N HIS A 348 -33.14 9.41 7.67
CA HIS A 348 -34.05 10.51 7.32
C HIS A 348 -34.55 10.31 5.91
N VAL A 349 -35.79 10.71 5.68
CA VAL A 349 -36.39 10.70 4.35
C VAL A 349 -37.00 12.09 4.12
N LEU A 350 -36.75 12.64 2.94
CA LEU A 350 -37.30 13.94 2.54
C LEU A 350 -37.68 13.91 1.07
N PRO A 351 -38.64 14.76 0.69
CA PRO A 351 -38.86 15.01 -0.71
C PRO A 351 -37.63 15.73 -1.29
N PHE A 352 -37.42 15.49 -2.57
CA PHE A 352 -36.32 16.11 -3.34
C PHE A 352 -36.31 17.63 -3.13
N GLU A 353 -37.50 18.24 -3.07
CA GLU A 353 -37.61 19.71 -2.93
C GLU A 353 -36.96 20.22 -1.63
N LYS A 354 -36.73 19.35 -0.63
CA LYS A 354 -36.06 19.73 0.63
C LYS A 354 -34.60 19.25 0.63
N ILE A 355 -33.99 19.21 -0.55
CA ILE A 355 -32.55 18.83 -0.66
C ILE A 355 -31.66 19.67 0.26
N ASN A 356 -31.87 20.99 0.34
CA ASN A 356 -31.02 21.82 1.22
C ASN A 356 -31.14 21.39 2.71
N GLU A 357 -32.35 21.10 3.17
CA GLU A 357 -32.58 20.55 4.54
CA GLU A 357 -32.53 20.59 4.55
C GLU A 357 -31.78 19.25 4.69
N GLY A 358 -31.75 18.44 3.65
CA GLY A 358 -31.01 17.16 3.65
C GLY A 358 -29.52 17.41 3.82
N PHE A 359 -28.98 18.42 3.15
CA PHE A 359 -27.55 18.75 3.32
C PHE A 359 -27.28 19.38 4.70
N ASP A 360 -28.21 20.18 5.22
CA ASP A 360 -28.08 20.73 6.60
C ASP A 360 -28.02 19.54 7.58
N LEU A 361 -28.85 18.53 7.39
CA LEU A 361 -28.85 17.37 8.32
C LEU A 361 -27.46 16.71 8.27
N LEU A 362 -26.88 16.54 7.08
CA LEU A 362 -25.55 15.90 7.03
C LEU A 362 -24.53 16.79 7.75
N ARG A 363 -24.52 18.07 7.41
CA ARG A 363 -23.48 19.01 7.91
C ARG A 363 -23.57 19.16 9.44
N SER A 364 -24.74 19.04 10.01
CA SER A 364 -24.92 19.20 11.46
C SER A 364 -24.42 17.99 12.22
N GLY A 365 -24.19 16.85 11.55
CA GLY A 365 -23.82 15.61 12.22
C GLY A 365 -25.04 14.75 12.54
N GLU A 366 -26.25 15.21 12.23
CA GLU A 366 -27.49 14.53 12.68
C GLU A 366 -27.79 13.29 11.86
N SER A 367 -27.50 13.26 10.56
CA SER A 367 -27.96 12.19 9.67
C SER A 367 -26.80 11.23 9.39
N ILE A 368 -27.18 10.06 8.94
CA ILE A 368 -26.29 9.14 8.16
C ILE A 368 -26.67 9.36 6.70
N ARG A 369 -27.62 8.61 6.18
CA ARG A 369 -28.15 8.89 4.82
C ARG A 369 -29.56 9.45 4.93
N THR A 370 -29.76 10.59 4.29
CA THR A 370 -31.07 11.15 3.89
C THR A 370 -31.31 10.62 2.48
N ILE A 371 -32.47 10.00 2.26
CA ILE A 371 -32.97 9.59 0.95
C ILE A 371 -34.01 10.60 0.49
N LEU A 372 -33.75 11.21 -0.65
CA LEU A 372 -34.68 12.15 -1.30
C LEU A 372 -35.52 11.40 -2.32
N THR A 373 -36.83 11.66 -2.30
CA THR A 373 -37.80 11.02 -3.20
C THR A 373 -38.35 12.06 -4.17
N PHE A 374 -38.34 11.73 -5.45
CA PHE A 374 -38.82 12.64 -6.53
C PHE A 374 -40.34 12.57 -6.66
N SER B 1 41.86 -24.71 21.90
CA SER B 1 40.55 -24.39 22.52
C SER B 1 40.37 -22.87 22.52
N THR B 2 39.33 -22.34 21.88
CA THR B 2 38.87 -20.94 22.12
C THR B 2 37.57 -20.96 22.92
N ALA B 3 36.89 -22.10 22.95
CA ALA B 3 35.56 -22.27 23.56
C ALA B 3 35.64 -21.81 25.01
N GLY B 4 34.69 -20.99 25.43
CA GLY B 4 34.57 -20.46 26.80
C GLY B 4 35.60 -19.38 27.12
N LYS B 5 36.43 -18.99 26.18
CA LYS B 5 37.46 -17.95 26.40
C LYS B 5 37.15 -16.70 25.58
N VAL B 6 37.65 -15.55 26.03
CA VAL B 6 37.66 -14.30 25.22
C VAL B 6 38.53 -14.58 24.01
N ILE B 7 38.08 -14.17 22.85
CA ILE B 7 38.91 -14.26 21.63
C ILE B 7 39.37 -12.86 21.31
N LYS B 8 40.67 -12.72 21.09
CA LYS B 8 41.19 -11.47 20.51
C LYS B 8 41.30 -11.68 19.00
N CYS B 9 40.65 -10.81 18.24
CA CYS B 9 40.68 -10.92 16.77
C CYS B 9 40.60 -9.57 16.08
N LYS B 10 40.70 -9.63 14.77
CA LYS B 10 40.61 -8.46 13.92
C LYS B 10 39.14 -8.14 13.61
N ALA B 11 38.78 -6.86 13.64
CA ALA B 11 37.45 -6.38 13.19
C ALA B 11 37.58 -4.99 12.59
N ALA B 12 36.57 -4.57 11.85
CA ALA B 12 36.51 -3.23 11.26
C ALA B 12 35.56 -2.41 12.12
N VAL B 13 36.11 -1.50 12.91
CA VAL B 13 35.34 -0.68 13.88
C VAL B 13 35.04 0.66 13.24
N LEU B 14 33.77 1.11 13.29
CA LEU B 14 33.37 2.45 12.86
C LEU B 14 33.23 3.29 14.13
N TRP B 15 34.21 4.17 14.39
CA TRP B 15 34.24 4.96 15.65
C TRP B 15 33.31 6.16 15.54
N GLU B 16 33.05 6.69 14.34
CA GLU B 16 32.13 7.83 14.15
C GLU B 16 31.68 7.90 12.70
N GLU B 17 30.65 8.69 12.41
CA GLU B 17 30.08 8.75 11.04
CA GLU B 17 30.07 8.80 11.04
C GLU B 17 31.13 9.34 10.08
N LYS B 18 31.01 8.98 8.80
CA LYS B 18 31.74 9.61 7.68
C LYS B 18 33.23 9.52 7.91
N LYS B 19 33.68 8.42 8.47
CA LYS B 19 35.11 8.09 8.62
C LYS B 19 35.35 6.70 8.05
N PRO B 20 36.58 6.40 7.59
CA PRO B 20 36.91 5.03 7.23
C PRO B 20 36.73 4.08 8.42
N PHE B 21 36.50 2.82 8.10
CA PHE B 21 36.57 1.75 9.09
C PHE B 21 38.00 1.70 9.61
N SER B 22 38.14 1.46 10.91
CA SER B 22 39.43 1.17 11.58
C SER B 22 39.59 -0.34 11.74
N ILE B 23 40.55 -0.95 11.03
CA ILE B 23 40.85 -2.39 11.12
C ILE B 23 41.79 -2.60 12.30
N GLU B 24 41.31 -3.21 13.37
CA GLU B 24 42.13 -3.39 14.57
C GLU B 24 41.64 -4.54 15.44
N GLU B 25 42.39 -4.81 16.50
CA GLU B 25 42.11 -5.90 17.43
C GLU B 25 40.95 -5.48 18.34
N VAL B 26 39.98 -6.39 18.42
CA VAL B 26 38.86 -6.33 19.38
C VAL B 26 38.91 -7.59 20.23
N GLU B 27 38.19 -7.56 21.34
CA GLU B 27 37.99 -8.76 22.18
CA GLU B 27 37.98 -8.75 22.19
C GLU B 27 36.52 -9.19 22.02
N VAL B 28 36.32 -10.45 21.77
CA VAL B 28 34.98 -11.05 21.57
C VAL B 28 34.75 -12.00 22.73
N ALA B 29 33.80 -11.64 23.60
CA ALA B 29 33.42 -12.47 24.74
C ALA B 29 32.86 -13.80 24.25
N PRO B 30 32.91 -14.85 25.08
CA PRO B 30 32.26 -16.11 24.74
C PRO B 30 30.74 -15.95 24.82
N PRO B 31 30.00 -16.84 24.13
CA PRO B 31 28.54 -16.77 24.06
C PRO B 31 27.95 -17.12 25.42
N LYS B 32 26.91 -16.39 25.78
CA LYS B 32 26.11 -16.65 26.98
C LYS B 32 24.98 -17.63 26.57
N ALA B 33 24.05 -17.88 27.48
CA ALA B 33 22.92 -18.80 27.23
C ALA B 33 22.23 -18.34 25.94
N HIS B 34 21.98 -19.28 25.06
CA HIS B 34 21.19 -19.08 23.82
C HIS B 34 21.91 -18.12 22.87
N GLU B 35 23.25 -18.12 22.89
CA GLU B 35 24.06 -17.28 21.98
C GLU B 35 25.04 -18.18 21.24
N VAL B 36 25.52 -17.68 20.11
CA VAL B 36 26.33 -18.44 19.14
C VAL B 36 27.51 -17.54 18.79
N ARG B 37 28.74 -18.07 18.93
CA ARG B 37 29.93 -17.38 18.41
C ARG B 37 30.40 -18.03 17.11
N ILE B 38 30.51 -17.18 16.10
CA ILE B 38 30.76 -17.56 14.68
C ILE B 38 32.13 -17.04 14.22
N LYS B 39 32.93 -17.94 13.62
CA LYS B 39 34.09 -17.55 12.80
C LYS B 39 33.60 -17.16 11.41
N MET B 40 33.80 -15.91 11.04
CA MET B 40 33.28 -15.40 9.77
CA MET B 40 33.32 -15.34 9.76
C MET B 40 34.18 -15.89 8.62
N VAL B 41 33.56 -16.23 7.50
CA VAL B 41 34.32 -16.70 6.31
C VAL B 41 34.21 -15.65 5.22
N ALA B 42 33.02 -15.10 4.97
CA ALA B 42 32.85 -14.09 3.91
C ALA B 42 31.73 -13.11 4.30
N THR B 43 31.88 -11.86 3.91
CA THR B 43 30.83 -10.83 4.17
C THR B 43 30.74 -9.89 3.00
N GLY B 44 29.52 -9.53 2.60
CA GLY B 44 29.30 -8.61 1.49
C GLY B 44 29.16 -7.22 2.00
N ILE B 45 29.35 -6.25 1.12
CA ILE B 45 29.18 -4.80 1.39
C ILE B 45 27.83 -4.38 0.81
N CYS B 46 26.91 -4.13 1.73
CA CYS B 46 25.54 -3.71 1.37
C CYS B 46 25.46 -2.20 1.52
N ARG B 47 24.62 -1.56 0.71
CA ARG B 47 24.47 -0.09 0.82
C ARG B 47 23.95 0.23 2.21
N SER B 48 23.23 -0.69 2.85
CA SER B 48 22.76 -0.36 4.21
C SER B 48 23.94 -0.16 5.18
N ASP B 49 25.02 -0.92 5.01
CA ASP B 49 26.22 -0.68 5.85
C ASP B 49 26.79 0.70 5.54
N ASP B 50 26.81 1.10 4.27
CA ASP B 50 27.28 2.47 3.91
C ASP B 50 26.37 3.53 4.53
N GLN B 51 25.05 3.31 4.55
CA GLN B 51 24.13 4.31 5.15
C GLN B 51 24.47 4.55 6.65
N VAL B 52 25.02 3.55 7.34
CA VAL B 52 25.46 3.74 8.76
C VAL B 52 26.63 4.73 8.75
N VAL B 53 27.57 4.55 7.83
CA VAL B 53 28.73 5.50 7.71
C VAL B 53 28.24 6.91 7.36
N SER B 54 27.25 7.03 6.46
CA SER B 54 26.68 8.32 6.02
C SER B 54 25.86 8.98 7.12
N GLY B 55 25.35 8.20 8.06
CA GLY B 55 24.46 8.68 9.13
C GLY B 55 23.01 8.74 8.70
N THR B 56 22.69 8.24 7.50
CA THR B 56 21.28 8.21 7.03
C THR B 56 20.53 7.02 7.59
N LEU B 57 21.22 5.97 8.04
CA LEU B 57 20.66 4.85 8.82
C LEU B 57 21.32 4.96 10.19
N VAL B 58 20.53 5.37 11.17
CA VAL B 58 21.02 5.63 12.54
C VAL B 58 21.08 4.33 13.32
N THR B 59 22.23 4.08 13.93
CA THR B 59 22.43 2.98 14.89
C THR B 59 23.53 3.46 15.82
N PRO B 60 23.53 3.07 17.10
CA PRO B 60 24.54 3.57 18.03
C PRO B 60 25.99 3.30 17.57
N LEU B 61 26.84 4.33 17.68
CA LEU B 61 28.31 4.20 17.43
C LEU B 61 29.04 4.32 18.76
N PRO B 62 30.28 3.80 18.89
CA PRO B 62 30.98 3.08 17.84
C PRO B 62 30.36 1.70 17.61
N VAL B 63 30.58 1.13 16.42
CA VAL B 63 29.83 -0.08 16.01
C VAL B 63 30.72 -1.01 15.17
N ILE B 64 30.47 -2.30 15.29
CA ILE B 64 30.90 -3.28 14.27
C ILE B 64 29.71 -3.49 13.34
N ALA B 65 29.77 -2.90 12.15
CA ALA B 65 28.70 -3.05 11.15
C ALA B 65 28.88 -4.39 10.43
N GLY B 66 28.19 -4.54 9.30
CA GLY B 66 28.23 -5.82 8.56
C GLY B 66 27.03 -6.65 8.98
N HIS B 67 26.26 -7.10 7.98
CA HIS B 67 25.07 -7.94 8.25
C HIS B 67 24.77 -9.00 7.19
N GLU B 68 25.53 -9.03 6.09
CA GLU B 68 25.38 -9.93 4.93
C GLU B 68 26.62 -10.83 4.99
N ALA B 69 26.49 -12.00 5.56
CA ALA B 69 27.72 -12.80 5.81
C ALA B 69 27.39 -14.29 5.91
N ALA B 70 28.47 -15.08 5.91
CA ALA B 70 28.41 -16.52 6.26
C ALA B 70 29.71 -16.93 6.96
N GLY B 71 29.58 -17.85 7.88
CA GLY B 71 30.74 -18.38 8.62
C GLY B 71 30.42 -19.71 9.27
N ILE B 72 31.28 -20.08 10.20
CA ILE B 72 31.27 -21.44 10.81
C ILE B 72 31.20 -21.26 12.31
N VAL B 73 30.30 -22.00 12.94
CA VAL B 73 30.10 -21.92 14.41
C VAL B 73 31.38 -22.33 15.15
N GLU B 74 31.90 -21.43 15.98
CA GLU B 74 33.09 -21.74 16.83
C GLU B 74 32.59 -22.36 18.14
N SER B 75 31.53 -21.85 18.74
CA SER B 75 31.01 -22.34 20.03
C SER B 75 29.58 -21.88 20.26
N ILE B 76 28.86 -22.58 21.10
CA ILE B 76 27.45 -22.31 21.45
C ILE B 76 27.33 -22.11 22.94
N GLY B 77 26.46 -21.20 23.37
CA GLY B 77 26.08 -21.05 24.78
C GLY B 77 25.15 -22.15 25.21
N GLU B 78 24.95 -22.19 26.52
CA GLU B 78 23.98 -23.09 27.16
C GLU B 78 22.62 -22.90 26.48
N GLY B 79 21.97 -24.00 26.14
CA GLY B 79 20.55 -23.96 25.77
C GLY B 79 20.35 -23.89 24.27
N VAL B 80 21.42 -23.70 23.49
CA VAL B 80 21.37 -23.64 22.00
C VAL B 80 21.07 -25.04 21.44
N THR B 81 20.04 -25.14 20.60
CA THR B 81 19.60 -26.42 20.01
C THR B 81 19.60 -26.41 18.48
N THR B 82 19.82 -25.28 17.80
CA THR B 82 19.56 -25.20 16.33
C THR B 82 20.85 -25.18 15.52
N VAL B 83 21.99 -24.98 16.17
CA VAL B 83 23.30 -25.03 15.49
C VAL B 83 24.26 -25.71 16.44
N ARG B 84 25.36 -26.19 15.89
CA ARG B 84 26.45 -26.84 16.68
C ARG B 84 27.78 -26.33 16.16
N PRO B 85 28.84 -26.40 16.99
CA PRO B 85 30.18 -26.09 16.54
C PRO B 85 30.53 -26.83 15.23
N GLY B 86 31.08 -26.08 14.29
CA GLY B 86 31.48 -26.55 12.96
C GLY B 86 30.40 -26.37 11.91
N ASP B 87 29.17 -26.08 12.30
CA ASP B 87 28.10 -25.80 11.30
C ASP B 87 28.38 -24.53 10.51
N LYS B 88 28.08 -24.60 9.21
CA LYS B 88 28.01 -23.39 8.37
C LYS B 88 26.71 -22.67 8.74
N VAL B 89 26.81 -21.37 8.82
CA VAL B 89 25.66 -20.52 9.28
C VAL B 89 25.66 -19.20 8.55
N ILE B 90 24.46 -18.66 8.42
CA ILE B 90 24.22 -17.26 7.97
C ILE B 90 23.61 -16.47 9.12
N PRO B 91 24.20 -15.35 9.58
CA PRO B 91 23.56 -14.48 10.56
C PRO B 91 22.31 -13.90 9.90
N LEU B 92 21.28 -13.70 10.71
CA LEU B 92 19.96 -13.18 10.29
C LEU B 92 19.77 -11.77 10.85
N PHE B 93 19.88 -10.75 10.02
CA PHE B 93 19.77 -9.35 10.53
C PHE B 93 18.30 -9.02 10.86
N THR B 94 17.37 -9.82 10.35
CA THR B 94 16.00 -9.86 10.85
C THR B 94 15.89 -11.18 11.58
N PRO B 95 15.67 -11.20 12.90
CA PRO B 95 15.56 -12.46 13.61
C PRO B 95 14.23 -13.18 13.33
N GLN B 96 14.12 -14.40 13.82
CA GLN B 96 12.87 -15.19 13.79
C GLN B 96 12.72 -15.86 15.16
N CYS B 97 12.16 -15.13 16.10
CA CYS B 97 12.01 -15.63 17.50
C CYS B 97 11.00 -16.79 17.53
N GLY B 98 10.04 -16.83 16.58
CA GLY B 98 9.03 -17.90 16.49
C GLY B 98 7.92 -17.67 17.52
N LYS B 99 8.01 -16.69 18.41
CA LYS B 99 7.02 -16.61 19.52
C LYS B 99 6.13 -15.38 19.38
N CYS B 100 6.56 -14.34 18.69
CA CYS B 100 5.85 -13.04 18.68
C CYS B 100 4.67 -13.12 17.70
N ARG B 101 3.83 -12.10 17.71
CA ARG B 101 2.61 -12.13 16.85
C ARG B 101 3.00 -12.11 15.37
N VAL B 102 4.10 -11.45 15.06
CA VAL B 102 4.61 -11.36 13.66
C VAL B 102 5.14 -12.74 13.24
N CYS B 103 5.96 -13.39 14.06
CA CYS B 103 6.49 -14.72 13.67
C CYS B 103 5.38 -15.74 13.50
N LYS B 104 4.30 -15.58 14.27
CA LYS B 104 3.13 -16.48 14.19
C LYS B 104 2.21 -16.13 13.01
N HIS B 105 2.34 -14.96 12.41
CA HIS B 105 1.44 -14.50 11.34
C HIS B 105 1.87 -15.15 10.04
N PRO B 106 0.96 -15.58 9.15
CA PRO B 106 1.40 -16.30 7.95
C PRO B 106 2.24 -15.42 7.02
N GLU B 107 2.02 -14.10 7.02
CA GLU B 107 2.66 -13.17 6.04
CA GLU B 107 2.68 -13.20 6.02
C GLU B 107 3.66 -12.21 6.69
C GLU B 107 3.91 -12.56 6.70
N GLY B 108 3.82 -12.19 8.00
N GLY B 108 3.79 -12.12 7.95
CA GLY B 108 4.76 -11.22 8.60
C GLY B 108 6.14 -11.85 8.73
N ASN B 109 7.15 -11.01 8.66
CA ASN B 109 8.53 -11.49 8.89
C ASN B 109 9.33 -10.52 9.74
N PHE B 110 8.82 -9.33 10.02
CA PHE B 110 9.61 -8.31 10.75
C PHE B 110 9.42 -8.58 12.25
N CYS B 111 10.07 -9.64 12.70
CA CYS B 111 10.04 -10.12 14.10
C CYS B 111 10.22 -8.98 15.08
N LEU B 112 9.43 -8.97 16.15
CA LEU B 112 9.44 -7.88 17.16
C LEU B 112 10.78 -7.83 17.92
N LYS B 113 11.64 -8.84 17.77
CA LYS B 113 12.95 -8.85 18.45
C LYS B 113 13.98 -8.15 17.57
N ASN B 114 13.60 -7.66 16.41
CA ASN B 114 14.55 -6.97 15.50
C ASN B 114 15.18 -5.77 16.23
N ASP B 115 16.39 -5.41 15.77
CA ASP B 115 17.12 -4.20 16.23
C ASP B 115 17.18 -3.14 15.14
N LEU B 116 16.22 -3.13 14.20
CA LEU B 116 16.19 -2.14 13.11
C LEU B 116 15.24 -0.98 13.44
N SER B 117 14.07 -1.22 14.01
CA SER B 117 13.05 -0.14 14.22
CA SER B 117 13.06 -0.13 14.18
C SER B 117 13.60 0.92 15.18
N MET B 118 14.16 0.49 16.29
CA MET B 118 14.65 1.38 17.37
C MET B 118 15.99 0.83 17.85
N PRO B 119 17.03 1.02 17.04
CA PRO B 119 18.29 0.30 17.26
C PRO B 119 18.91 0.64 18.62
N ARG B 120 19.24 -0.40 19.38
CA ARG B 120 19.99 -0.41 20.64
C ARG B 120 21.46 -0.78 20.38
N GLY B 121 21.74 -1.53 19.31
CA GLY B 121 23.12 -1.99 19.03
C GLY B 121 23.65 -2.92 20.10
N THR B 122 22.86 -3.85 20.59
CA THR B 122 23.26 -4.84 21.61
C THR B 122 22.80 -6.23 21.21
N MET B 123 23.20 -7.20 22.01
CA MET B 123 22.59 -8.55 22.08
C MET B 123 21.15 -8.40 22.60
N GLN B 124 20.38 -9.45 22.48
CA GLN B 124 18.98 -9.43 23.01
C GLN B 124 19.02 -9.02 24.49
N ASP B 125 20.05 -9.39 25.23
CA ASP B 125 20.07 -9.13 26.70
C ASP B 125 20.47 -7.69 27.02
N GLY B 126 20.69 -6.81 26.02
CA GLY B 126 20.95 -5.38 26.21
C GLY B 126 22.41 -5.09 26.51
N THR B 127 23.29 -6.09 26.34
CA THR B 127 24.74 -5.90 26.52
C THR B 127 25.48 -6.24 25.24
N SER B 128 26.78 -5.89 25.22
CA SER B 128 27.66 -6.07 24.05
C SER B 128 28.73 -7.11 24.36
N ARG B 129 29.08 -7.90 23.35
CA ARG B 129 30.14 -8.94 23.44
C ARG B 129 31.48 -8.41 22.94
N PHE B 130 31.54 -7.16 22.53
CA PHE B 130 32.72 -6.56 21.87
C PHE B 130 33.33 -5.47 22.74
N THR B 131 34.67 -5.52 22.85
CA THR B 131 35.42 -4.36 23.38
CA THR B 131 35.52 -4.47 23.49
C THR B 131 36.60 -4.07 22.48
N CYS B 132 36.96 -2.81 22.43
CA CYS B 132 38.10 -2.38 21.60
C CYS B 132 38.78 -1.21 22.30
N ARG B 133 40.08 -1.33 22.57
CA ARG B 133 40.88 -0.31 23.28
C ARG B 133 40.21 -0.03 24.63
N GLY B 134 39.66 -1.06 25.27
CA GLY B 134 38.98 -0.97 26.57
C GLY B 134 37.59 -0.33 26.53
N LYS B 135 37.04 -0.05 25.35
CA LYS B 135 35.70 0.56 25.20
C LYS B 135 34.72 -0.49 24.69
N PRO B 136 33.49 -0.55 25.24
CA PRO B 136 32.45 -1.39 24.66
C PRO B 136 32.09 -0.87 23.26
N ILE B 137 31.88 -1.79 22.34
CA ILE B 137 31.55 -1.48 20.94
C ILE B 137 30.16 -2.04 20.61
N HIS B 138 29.33 -1.27 19.93
CA HIS B 138 27.96 -1.75 19.66
C HIS B 138 27.96 -2.83 18.58
N HIS B 139 26.94 -3.68 18.67
CA HIS B 139 26.50 -4.59 17.61
C HIS B 139 25.65 -3.85 16.57
N PHE B 140 25.44 -4.47 15.43
CA PHE B 140 24.63 -3.88 14.36
C PHE B 140 23.65 -4.95 13.90
N LEU B 141 22.36 -4.65 14.05
CA LEU B 141 21.25 -5.54 13.62
C LEU B 141 21.40 -6.96 14.19
N GLY B 142 22.00 -7.09 15.38
CA GLY B 142 22.22 -8.42 15.98
C GLY B 142 23.18 -9.28 15.18
N THR B 143 24.02 -8.74 14.30
CA THR B 143 24.85 -9.57 13.40
C THR B 143 26.31 -9.16 13.56
N SER B 144 26.70 -8.00 13.11
CA SER B 144 28.09 -7.46 13.24
C SER B 144 29.08 -8.40 12.57
N THR B 145 29.11 -8.39 11.26
CA THR B 145 29.83 -9.43 10.49
C THR B 145 31.16 -8.88 10.01
N PHE B 146 31.46 -7.60 10.22
CA PHE B 146 32.77 -7.03 9.82
C PHE B 146 33.80 -7.34 10.92
N SER B 147 33.93 -8.61 11.25
CA SER B 147 34.78 -9.11 12.37
C SER B 147 35.13 -10.56 12.10
N GLN B 148 36.35 -11.00 12.46
CA GLN B 148 36.71 -12.42 12.25
C GLN B 148 35.82 -13.35 13.06
N TYR B 149 35.32 -12.85 14.19
CA TYR B 149 34.40 -13.57 15.11
C TYR B 149 33.31 -12.59 15.52
N THR B 150 32.09 -13.06 15.49
CA THR B 150 30.94 -12.35 16.10
C THR B 150 30.20 -13.30 17.06
N VAL B 151 29.33 -12.70 17.88
CA VAL B 151 28.40 -13.45 18.76
C VAL B 151 27.00 -12.96 18.38
N VAL B 152 26.12 -13.92 18.17
CA VAL B 152 24.72 -13.62 17.79
C VAL B 152 23.78 -14.37 18.70
N ASP B 153 22.61 -13.81 18.92
CA ASP B 153 21.56 -14.57 19.59
C ASP B 153 21.12 -15.73 18.70
N GLU B 154 20.65 -16.83 19.30
CA GLU B 154 20.22 -18.00 18.48
C GLU B 154 19.15 -17.64 17.45
N ILE B 155 18.22 -16.76 17.81
CA ILE B 155 17.11 -16.37 16.90
C ILE B 155 17.63 -15.55 15.71
N SER B 156 18.92 -15.19 15.71
CA SER B 156 19.58 -14.41 14.64
C SER B 156 20.63 -15.27 13.92
N VAL B 157 20.42 -16.56 13.84
CA VAL B 157 21.36 -17.42 13.08
C VAL B 157 20.63 -18.62 12.49
N ALA B 158 20.97 -18.98 11.24
CA ALA B 158 20.43 -20.18 10.56
C ALA B 158 21.57 -21.11 10.19
N LYS B 159 21.36 -22.40 10.43
CA LYS B 159 22.22 -23.49 9.93
C LYS B 159 21.95 -23.69 8.44
N ILE B 160 23.00 -23.80 7.64
CA ILE B 160 22.89 -24.02 6.18
C ILE B 160 23.70 -25.26 5.79
N ASP B 161 23.52 -25.66 4.54
CA ASP B 161 24.12 -26.88 3.97
C ASP B 161 25.63 -26.82 4.22
N ALA B 162 26.17 -27.86 4.87
CA ALA B 162 27.62 -28.03 5.12
C ALA B 162 28.46 -27.97 3.86
N ALA B 163 27.89 -28.19 2.68
CA ALA B 163 28.64 -28.12 1.40
C ALA B 163 28.52 -26.75 0.71
N SER B 164 27.87 -25.76 1.29
CA SER B 164 27.60 -24.52 0.51
C SER B 164 28.87 -23.69 0.42
N PRO B 165 29.07 -22.99 -0.71
CA PRO B 165 30.19 -22.08 -0.86
C PRO B 165 29.93 -20.72 -0.18
N LEU B 166 30.62 -20.47 0.93
CA LEU B 166 30.24 -19.35 1.82
C LEU B 166 30.56 -18.02 1.16
N GLU B 167 31.54 -17.99 0.25
CA GLU B 167 31.94 -16.77 -0.48
C GLU B 167 30.84 -16.36 -1.46
N LYS B 168 29.89 -17.24 -1.76
CA LYS B 168 28.71 -16.88 -2.59
C LYS B 168 27.45 -16.74 -1.70
N VAL B 169 27.15 -17.74 -0.88
CA VAL B 169 25.81 -17.78 -0.21
C VAL B 169 25.72 -16.72 0.89
N CYS B 170 26.79 -16.05 1.27
CA CYS B 170 26.67 -14.89 2.17
C CYS B 170 25.63 -13.90 1.62
N LEU B 171 25.46 -13.80 0.29
CA LEU B 171 24.51 -12.85 -0.32
C LEU B 171 23.06 -13.22 0.03
N ILE B 172 22.81 -14.46 0.40
CA ILE B 172 21.46 -14.89 0.89
C ILE B 172 21.21 -14.24 2.25
N GLY B 173 22.25 -13.79 2.93
CA GLY B 173 22.08 -13.06 4.19
C GLY B 173 21.48 -11.69 4.00
N CYS B 174 21.61 -11.09 2.84
CA CYS B 174 20.89 -9.82 2.62
C CYS B 174 20.46 -9.67 1.16
N GLY B 175 21.38 -9.32 0.27
CA GLY B 175 21.07 -8.59 -0.95
C GLY B 175 20.19 -9.44 -1.85
N PHE B 176 20.57 -10.69 -2.05
CA PHE B 176 19.80 -11.58 -2.95
C PHE B 176 18.39 -11.78 -2.38
N SER B 177 18.28 -12.21 -1.13
CA SER B 177 16.96 -12.59 -0.57
C SER B 177 16.07 -11.35 -0.51
N THR B 178 16.64 -10.22 -0.16
CA THR B 178 15.87 -8.95 -0.06
C THR B 178 15.28 -8.65 -1.44
N GLY B 179 16.09 -8.61 -2.45
CA GLY B 179 15.54 -8.22 -3.76
C GLY B 179 14.63 -9.28 -4.33
N TYR B 180 15.03 -10.54 -4.29
CA TYR B 180 14.28 -11.64 -4.93
C TYR B 180 12.92 -11.77 -4.25
N GLY B 181 12.92 -11.76 -2.91
CA GLY B 181 11.65 -11.88 -2.15
C GLY B 181 10.76 -10.66 -2.37
N SER B 182 11.34 -9.46 -2.50
CA SER B 182 10.53 -8.25 -2.77
C SER B 182 9.68 -8.48 -4.01
N ALA B 183 10.20 -9.14 -5.04
CA ALA B 183 9.48 -9.45 -6.29
C ALA B 183 8.53 -10.63 -6.11
N VAL B 184 8.99 -11.75 -5.57
CA VAL B 184 8.22 -13.02 -5.65
C VAL B 184 7.28 -13.16 -4.46
N LYS B 185 7.62 -12.59 -3.33
CA LYS B 185 6.82 -12.83 -2.10
C LYS B 185 6.04 -11.57 -1.73
N VAL B 186 6.63 -10.38 -1.83
CA VAL B 186 5.97 -9.15 -1.36
C VAL B 186 5.08 -8.62 -2.49
N ALA B 187 5.62 -8.28 -3.65
CA ALA B 187 4.80 -7.84 -4.79
C ALA B 187 3.97 -9.01 -5.35
N LYS B 188 4.48 -10.22 -5.34
CA LYS B 188 3.87 -11.37 -6.02
C LYS B 188 3.71 -10.99 -7.49
N VAL B 189 4.81 -10.66 -8.13
CA VAL B 189 4.82 -10.37 -9.59
C VAL B 189 4.11 -11.50 -10.34
N THR B 190 3.31 -11.16 -11.34
CA THR B 190 2.53 -12.12 -12.12
C THR B 190 3.13 -12.35 -13.52
N GLN B 191 2.86 -13.51 -14.07
CA GLN B 191 3.30 -13.87 -15.44
C GLN B 191 2.73 -12.84 -16.42
N GLY B 192 3.57 -12.35 -17.33
CA GLY B 192 3.16 -11.47 -18.42
C GLY B 192 3.12 -10.01 -18.00
N SER B 193 3.40 -9.69 -16.73
CA SER B 193 3.30 -8.31 -16.20
C SER B 193 4.45 -7.43 -16.68
N THR B 194 4.31 -6.14 -16.52
CA THR B 194 5.36 -5.13 -16.73
C THR B 194 5.84 -4.59 -15.39
N CYS B 195 7.14 -4.63 -15.15
CA CYS B 195 7.76 -4.24 -13.89
C CYS B 195 8.73 -3.09 -14.18
N ALA B 196 8.85 -2.20 -13.25
CA ALA B 196 9.86 -1.11 -13.21
C ALA B 196 10.69 -1.27 -11.95
N VAL B 197 12.03 -1.25 -12.09
CA VAL B 197 12.94 -1.45 -10.96
C VAL B 197 13.82 -0.23 -10.92
N PHE B 198 13.69 0.58 -9.87
CA PHE B 198 14.49 1.81 -9.60
C PHE B 198 15.68 1.39 -8.74
N GLY B 199 16.86 1.47 -9.36
CA GLY B 199 18.14 1.17 -8.69
C GLY B 199 18.59 -0.20 -9.07
N LEU B 200 19.76 -0.28 -9.72
CA LEU B 200 20.29 -1.53 -10.32
C LEU B 200 21.59 -1.92 -9.63
N GLY B 201 21.64 -1.76 -8.32
CA GLY B 201 22.70 -2.36 -7.49
C GLY B 201 22.39 -3.80 -7.15
N GLY B 202 23.06 -4.35 -6.13
CA GLY B 202 22.90 -5.76 -5.79
C GLY B 202 21.45 -6.14 -5.47
N VAL B 203 20.75 -5.27 -4.73
CA VAL B 203 19.36 -5.59 -4.34
C VAL B 203 18.45 -5.45 -5.57
N GLY B 204 18.65 -4.41 -6.37
CA GLY B 204 17.77 -4.18 -7.52
C GLY B 204 17.97 -5.25 -8.58
N LEU B 205 19.21 -5.73 -8.76
CA LEU B 205 19.45 -6.84 -9.72
C LEU B 205 18.73 -8.09 -9.23
N SER B 206 18.70 -8.29 -7.90
CA SER B 206 18.00 -9.43 -7.29
C SER B 206 16.48 -9.30 -7.45
N VAL B 207 15.95 -8.08 -7.41
CA VAL B 207 14.53 -7.80 -7.76
C VAL B 207 14.29 -8.20 -9.22
N ILE B 208 15.20 -7.85 -10.13
CA ILE B 208 15.06 -8.22 -11.55
C ILE B 208 15.04 -9.73 -11.68
N MET B 209 15.99 -10.41 -11.02
CA MET B 209 16.01 -11.88 -11.04
C MET B 209 14.64 -12.40 -10.60
N GLY B 210 14.06 -11.84 -9.52
CA GLY B 210 12.75 -12.32 -9.05
C GLY B 210 11.64 -12.04 -10.05
N CYS B 211 11.64 -10.86 -10.66
CA CYS B 211 10.60 -10.52 -11.64
C CYS B 211 10.70 -11.49 -12.84
N LYS B 212 11.91 -11.80 -13.25
CA LYS B 212 12.10 -12.72 -14.41
C LYS B 212 11.65 -14.13 -13.99
N ALA B 213 12.02 -14.57 -12.80
CA ALA B 213 11.59 -15.90 -12.32
C ALA B 213 10.07 -16.00 -12.28
N ALA B 214 9.39 -14.88 -11.97
CA ALA B 214 7.92 -14.82 -11.84
C ALA B 214 7.26 -14.69 -13.22
N GLY B 215 8.04 -14.59 -14.29
CA GLY B 215 7.51 -14.61 -15.67
C GLY B 215 7.05 -13.24 -16.15
N ALA B 216 7.56 -12.15 -15.58
CA ALA B 216 7.25 -10.78 -16.10
C ALA B 216 7.57 -10.80 -17.59
N ALA B 217 6.79 -10.09 -18.38
CA ALA B 217 7.08 -9.98 -19.83
C ALA B 217 8.06 -8.82 -20.06
N ARG B 218 7.96 -7.77 -19.27
CA ARG B 218 8.79 -6.55 -19.41
C ARG B 218 9.34 -6.19 -18.04
N ILE B 219 10.62 -5.89 -17.99
CA ILE B 219 11.33 -5.46 -16.76
C ILE B 219 12.16 -4.25 -17.14
N ILE B 220 11.70 -3.06 -16.76
CA ILE B 220 12.38 -1.80 -17.09
C ILE B 220 13.26 -1.45 -15.91
N GLY B 221 14.58 -1.48 -16.12
CA GLY B 221 15.58 -1.00 -15.15
C GLY B 221 15.72 0.51 -15.23
N VAL B 222 15.73 1.19 -14.09
CA VAL B 222 15.86 2.66 -13.99
C VAL B 222 17.09 2.96 -13.12
N ASP B 223 18.07 3.65 -13.68
CA ASP B 223 19.24 4.07 -12.88
C ASP B 223 19.81 5.33 -13.52
N ILE B 224 20.38 6.21 -12.72
CA ILE B 224 21.11 7.39 -13.23
C ILE B 224 22.51 7.01 -13.67
N ASN B 225 22.98 5.83 -13.35
CA ASN B 225 24.35 5.38 -13.72
C ASN B 225 24.18 4.35 -14.85
N LYS B 226 24.37 4.75 -16.10
CA LYS B 226 24.13 3.88 -17.27
C LYS B 226 25.11 2.71 -17.29
N ASP B 227 26.20 2.77 -16.54
CA ASP B 227 27.14 1.63 -16.44
C ASP B 227 26.48 0.42 -15.79
N LYS B 228 25.32 0.58 -15.12
CA LYS B 228 24.62 -0.52 -14.43
C LYS B 228 23.73 -1.27 -15.44
N PHE B 229 23.52 -0.72 -16.63
CA PHE B 229 22.48 -1.27 -17.56
C PHE B 229 22.87 -2.65 -18.13
N ALA B 230 24.15 -2.84 -18.47
CA ALA B 230 24.54 -4.10 -19.13
C ALA B 230 24.21 -5.29 -18.24
N LYS B 231 24.62 -5.22 -16.97
CA LYS B 231 24.37 -6.32 -16.01
C LYS B 231 22.87 -6.46 -15.74
N ALA B 232 22.13 -5.37 -15.66
CA ALA B 232 20.65 -5.46 -15.48
C ALA B 232 20.02 -6.27 -16.63
N LYS B 233 20.41 -6.00 -17.87
CA LYS B 233 19.92 -6.79 -19.03
C LYS B 233 20.36 -8.26 -18.90
N GLU B 234 21.60 -8.54 -18.49
CA GLU B 234 22.04 -9.96 -18.37
C GLU B 234 21.13 -10.77 -17.47
N VAL B 235 20.64 -10.18 -16.37
CA VAL B 235 19.82 -10.91 -15.37
C VAL B 235 18.32 -10.69 -15.61
N GLY B 236 17.92 -9.99 -16.67
CA GLY B 236 16.53 -10.06 -17.15
C GLY B 236 15.91 -8.74 -17.53
N ALA B 237 16.53 -7.57 -17.35
CA ALA B 237 15.88 -6.31 -17.74
C ALA B 237 15.65 -6.37 -19.26
N THR B 238 14.46 -6.01 -19.72
CA THR B 238 14.18 -5.95 -21.18
C THR B 238 14.57 -4.59 -21.79
N GLU B 239 14.73 -3.59 -20.95
CA GLU B 239 15.06 -2.20 -21.34
CA GLU B 239 14.92 -2.15 -21.31
C GLU B 239 15.55 -1.48 -20.09
N CYS B 240 16.38 -0.47 -20.29
CA CYS B 240 16.88 0.38 -19.20
C CYS B 240 16.74 1.85 -19.60
N VAL B 241 16.36 2.66 -18.63
CA VAL B 241 16.20 4.12 -18.83
C VAL B 241 16.93 4.86 -17.73
N ASN B 242 17.57 5.93 -18.14
CA ASN B 242 18.25 6.89 -17.27
C ASN B 242 17.41 8.15 -17.22
N PRO B 243 16.81 8.53 -16.07
CA PRO B 243 16.01 9.73 -15.96
C PRO B 243 16.72 11.02 -16.41
N GLN B 244 18.03 11.07 -16.30
CA GLN B 244 18.83 12.25 -16.73
C GLN B 244 18.72 12.43 -18.25
N ASP B 245 18.33 11.40 -18.99
CA ASP B 245 18.29 11.49 -20.49
C ASP B 245 16.99 12.15 -20.95
N TYR B 246 16.05 12.46 -20.05
CA TYR B 246 14.69 12.86 -20.43
C TYR B 246 14.38 14.29 -19.97
N LYS B 247 13.62 15.03 -20.76
CA LYS B 247 13.12 16.37 -20.37
C LYS B 247 11.90 16.23 -19.45
N LYS B 248 11.23 15.09 -19.46
CA LYS B 248 10.00 14.87 -18.65
C LYS B 248 10.38 14.08 -17.41
N PRO B 249 9.59 14.18 -16.32
CA PRO B 249 9.82 13.30 -15.17
C PRO B 249 9.67 11.82 -15.56
N ILE B 250 10.45 10.94 -14.92
CA ILE B 250 10.52 9.53 -15.40
C ILE B 250 9.17 8.84 -15.14
N GLN B 251 8.35 9.30 -14.19
CA GLN B 251 7.04 8.65 -13.95
C GLN B 251 6.21 8.79 -15.22
N GLU B 252 6.32 9.93 -15.89
CA GLU B 252 5.56 10.18 -17.13
C GLU B 252 6.11 9.31 -18.25
N VAL B 253 7.42 9.18 -18.31
CA VAL B 253 8.08 8.34 -19.34
C VAL B 253 7.63 6.89 -19.15
N LEU B 254 7.69 6.38 -17.91
CA LEU B 254 7.35 4.97 -17.66
C LEU B 254 5.85 4.71 -17.88
N THR B 255 4.98 5.65 -17.56
CA THR B 255 3.52 5.54 -17.79
C THR B 255 3.33 5.42 -19.31
N GLU B 256 3.96 6.30 -20.11
CA GLU B 256 3.80 6.22 -21.57
CA GLU B 256 3.91 6.28 -21.60
C GLU B 256 4.40 4.91 -22.08
N MET B 257 5.57 4.49 -21.59
CA MET B 257 6.20 3.26 -22.09
C MET B 257 5.33 2.03 -21.84
N SER B 258 4.61 2.02 -20.70
CA SER B 258 3.77 0.87 -20.31
C SER B 258 2.32 1.11 -20.71
N ASN B 259 2.04 2.05 -21.61
CA ASN B 259 0.66 2.26 -22.14
C ASN B 259 -0.34 2.45 -20.98
N GLY B 260 0.05 3.22 -19.99
CA GLY B 260 -0.84 3.68 -18.90
C GLY B 260 -0.37 3.30 -17.52
N GLY B 261 0.87 2.82 -17.33
CA GLY B 261 1.39 2.50 -15.99
C GLY B 261 1.79 1.05 -15.91
N VAL B 262 2.79 0.80 -15.07
CA VAL B 262 3.34 -0.57 -14.91
C VAL B 262 2.48 -1.37 -13.90
N ASP B 263 2.59 -2.69 -13.97
CA ASP B 263 1.89 -3.59 -13.02
C ASP B 263 2.57 -3.49 -11.66
N PHE B 264 3.90 -3.54 -11.62
CA PHE B 264 4.69 -3.58 -10.39
C PHE B 264 5.86 -2.62 -10.50
N SER B 265 6.06 -1.79 -9.51
CA SER B 265 7.28 -0.96 -9.41
C SER B 265 7.97 -1.18 -8.07
N PHE B 266 9.27 -0.97 -8.05
CA PHE B 266 10.16 -1.28 -6.90
C PHE B 266 11.10 -0.10 -6.71
N GLU B 267 11.14 0.47 -5.54
CA GLU B 267 12.14 1.49 -5.19
C GLU B 267 13.24 0.74 -4.50
N VAL B 268 14.43 0.76 -5.11
CA VAL B 268 15.58 -0.01 -4.58
C VAL B 268 16.80 0.89 -4.50
N ILE B 269 16.58 2.07 -3.96
CA ILE B 269 17.62 3.13 -3.89
C ILE B 269 17.72 3.68 -2.47
N GLY B 270 16.60 4.17 -1.94
CA GLY B 270 16.50 4.78 -0.60
C GLY B 270 16.33 6.29 -0.63
N ARG B 271 15.71 6.84 -1.67
CA ARG B 271 15.41 8.28 -1.78
C ARG B 271 13.89 8.52 -1.70
N LEU B 272 13.52 9.55 -0.98
CA LEU B 272 12.09 9.93 -0.87
C LEU B 272 11.53 10.21 -2.27
N ASP B 273 12.25 10.91 -3.14
CA ASP B 273 11.67 11.33 -4.44
C ASP B 273 11.38 10.10 -5.31
N THR B 274 12.29 9.13 -5.38
CA THR B 274 12.10 7.93 -6.20
C THR B 274 11.02 7.05 -5.58
N MET B 275 10.82 7.09 -4.25
CA MET B 275 9.69 6.31 -3.67
C MET B 275 8.37 6.87 -4.19
N VAL B 276 8.22 8.18 -4.26
CA VAL B 276 6.98 8.81 -4.81
C VAL B 276 6.90 8.52 -6.33
N THR B 277 7.99 8.68 -7.10
CA THR B 277 8.04 8.45 -8.56
C THR B 277 7.64 7.00 -8.85
N ALA B 278 8.22 6.05 -8.09
CA ALA B 278 7.92 4.62 -8.27
C ALA B 278 6.43 4.38 -8.02
N LEU B 279 5.85 5.01 -6.98
CA LEU B 279 4.40 4.77 -6.77
C LEU B 279 3.63 5.32 -7.97
N SER B 280 3.97 6.52 -8.42
CA SER B 280 3.20 7.22 -9.47
CA SER B 280 3.18 7.21 -9.47
C SER B 280 3.25 6.44 -10.79
N CYS B 281 4.37 5.81 -11.11
CA CYS B 281 4.53 5.15 -12.42
C CYS B 281 3.75 3.82 -12.51
C CYS B 281 3.72 3.86 -12.49
N CYS B 282 3.24 3.27 -11.39
N CYS B 282 3.11 3.46 -11.38
CA CYS B 282 2.39 2.06 -11.44
CA CYS B 282 2.23 2.28 -11.34
C CYS B 282 0.95 2.46 -11.77
C CYS B 282 0.88 2.61 -11.94
N GLN B 283 0.28 1.56 -12.49
N GLN B 283 0.26 1.59 -12.49
CA GLN B 283 -1.09 1.79 -13.03
C GLN B 283 -2.02 2.24 -11.88
N GLU B 284 -2.79 3.29 -12.11
CA GLU B 284 -3.48 4.01 -11.00
C GLU B 284 -4.60 3.16 -10.37
N ALA B 285 -5.16 2.20 -11.08
CA ALA B 285 -6.32 1.40 -10.64
C ALA B 285 -5.87 0.08 -10.00
N TYR B 286 -4.78 -0.53 -10.47
CA TYR B 286 -4.40 -1.90 -10.02
C TYR B 286 -2.89 -2.07 -9.87
N GLY B 287 -2.12 -1.00 -9.97
CA GLY B 287 -0.67 -1.07 -9.83
C GLY B 287 -0.26 -1.38 -8.41
N VAL B 288 0.95 -1.91 -8.21
CA VAL B 288 1.54 -2.25 -6.89
C VAL B 288 2.93 -1.66 -6.88
N SER B 289 3.27 -0.89 -5.87
CA SER B 289 4.65 -0.35 -5.73
C SER B 289 5.22 -0.87 -4.42
N VAL B 290 6.44 -1.38 -4.43
CA VAL B 290 7.14 -1.91 -3.24
C VAL B 290 8.34 -1.02 -2.93
N ILE B 291 8.39 -0.52 -1.72
CA ILE B 291 9.58 0.19 -1.21
C ILE B 291 10.53 -0.84 -0.64
N VAL B 292 11.73 -0.91 -1.20
CA VAL B 292 12.85 -1.76 -0.72
C VAL B 292 13.95 -0.87 -0.13
N GLY B 293 14.22 0.28 -0.76
CA GLY B 293 15.29 1.16 -0.28
C GLY B 293 15.07 1.60 1.16
N VAL B 294 16.15 1.76 1.90
CA VAL B 294 16.10 2.33 3.27
C VAL B 294 16.11 3.84 3.13
N PRO B 295 15.03 4.50 3.61
CA PRO B 295 14.95 5.96 3.52
C PRO B 295 15.84 6.67 4.55
N PRO B 296 16.14 7.96 4.34
CA PRO B 296 17.06 8.67 5.20
C PRO B 296 16.41 9.04 6.53
N ASP B 297 17.17 8.94 7.61
CA ASP B 297 16.65 9.03 8.99
C ASP B 297 15.80 10.27 9.18
N SER B 298 14.59 10.06 9.71
CA SER B 298 13.71 11.09 10.30
C SER B 298 13.16 12.01 9.21
N GLN B 299 13.22 11.61 7.95
CA GLN B 299 12.70 12.49 6.89
C GLN B 299 11.35 11.95 6.42
N ASN B 300 10.41 12.85 6.18
CA ASN B 300 9.07 12.49 5.67
C ASN B 300 9.04 12.76 4.18
N LEU B 301 8.30 11.97 3.42
CA LEU B 301 7.98 12.29 2.02
C LEU B 301 6.65 13.03 1.97
N SER B 302 6.41 13.66 0.84
CA SER B 302 5.14 14.35 0.53
C SER B 302 4.52 13.66 -0.68
N MET B 303 3.23 13.33 -0.62
CA MET B 303 2.56 12.64 -1.74
C MET B 303 1.05 12.96 -1.71
N ASN B 304 0.44 12.87 -2.85
CA ASN B 304 -1.00 13.10 -3.04
C ASN B 304 -1.74 11.78 -2.87
N PRO B 305 -2.55 11.64 -1.77
CA PRO B 305 -3.21 10.37 -1.51
C PRO B 305 -4.22 9.96 -2.59
N MET B 306 -4.57 10.85 -3.53
CA MET B 306 -5.37 10.44 -4.70
C MET B 306 -4.65 9.35 -5.50
N LEU B 307 -3.32 9.28 -5.37
CA LEU B 307 -2.56 8.19 -6.06
C LEU B 307 -3.02 6.81 -5.55
N LEU B 308 -3.41 6.74 -4.26
CA LEU B 308 -3.86 5.48 -3.62
C LEU B 308 -5.37 5.35 -3.81
N LEU B 309 -6.13 6.45 -3.73
CA LEU B 309 -7.61 6.30 -3.77
C LEU B 309 -8.06 5.65 -5.07
N SER B 310 -7.39 5.91 -6.20
CA SER B 310 -7.77 5.34 -7.51
C SER B 310 -7.61 3.82 -7.51
N GLY B 311 -6.77 3.27 -6.60
CA GLY B 311 -6.62 1.82 -6.51
C GLY B 311 -5.21 1.31 -6.36
N ARG B 312 -4.20 2.14 -6.41
CA ARG B 312 -2.82 1.66 -6.19
C ARG B 312 -2.69 1.01 -4.83
N THR B 313 -1.73 0.10 -4.75
CA THR B 313 -1.21 -0.54 -3.50
C THR B 313 0.24 -0.13 -3.29
N TRP B 314 0.55 0.39 -2.12
CA TRP B 314 1.91 0.79 -1.74
C TRP B 314 2.33 -0.05 -0.56
N LYS B 315 3.46 -0.69 -0.60
CA LYS B 315 3.90 -1.44 0.57
C LYS B 315 5.40 -1.42 0.62
N GLY B 316 5.97 -1.89 1.71
CA GLY B 316 7.43 -2.04 1.78
C GLY B 316 7.73 -3.33 2.52
N ALA B 317 9.00 -3.70 2.58
CA ALA B 317 9.38 -4.93 3.31
C ALA B 317 10.85 -4.90 3.66
N ILE B 318 11.14 -5.59 4.75
CA ILE B 318 12.52 -5.89 5.16
C ILE B 318 12.82 -7.31 4.74
N PHE B 319 14.02 -7.55 4.18
CA PHE B 319 14.54 -8.90 3.87
C PHE B 319 13.54 -9.65 2.99
N GLY B 320 12.93 -8.93 2.03
CA GLY B 320 12.15 -9.60 0.96
C GLY B 320 10.87 -10.27 1.48
N GLY B 321 10.45 -9.92 2.70
CA GLY B 321 9.29 -10.57 3.33
C GLY B 321 9.54 -11.96 3.82
N PHE B 322 10.77 -12.49 3.71
CA PHE B 322 11.10 -13.85 4.16
C PHE B 322 11.15 -13.98 5.69
N LYS B 323 10.45 -14.99 6.22
CA LYS B 323 10.69 -15.41 7.63
C LYS B 323 12.11 -15.97 7.65
N SER B 324 13.00 -15.28 8.34
CA SER B 324 14.46 -15.38 8.08
C SER B 324 14.99 -16.79 8.37
N LYS B 325 14.66 -17.37 9.50
CA LYS B 325 15.32 -18.65 9.93
C LYS B 325 14.71 -19.82 9.15
N ASP B 326 13.40 -19.78 8.82
CA ASP B 326 12.78 -20.78 7.94
C ASP B 326 13.38 -20.68 6.53
N SER B 327 13.55 -19.45 6.03
CA SER B 327 13.76 -19.24 4.58
C SER B 327 15.25 -19.40 4.18
N VAL B 328 16.17 -18.95 5.01
CA VAL B 328 17.59 -18.85 4.57
C VAL B 328 18.13 -20.25 4.25
N PRO B 329 17.91 -21.31 5.05
CA PRO B 329 18.42 -22.63 4.66
C PRO B 329 17.78 -23.14 3.37
N LYS B 330 16.50 -22.87 3.17
CA LYS B 330 15.76 -23.25 1.94
C LYS B 330 16.34 -22.52 0.74
N LEU B 331 16.64 -21.22 0.87
CA LEU B 331 17.26 -20.46 -0.23
C LEU B 331 18.64 -21.03 -0.54
N VAL B 332 19.45 -21.35 0.47
CA VAL B 332 20.78 -21.97 0.20
C VAL B 332 20.56 -23.30 -0.53
N ALA B 333 19.60 -24.14 -0.11
CA ALA B 333 19.33 -25.45 -0.78
C ALA B 333 18.93 -25.19 -2.24
N ASP B 334 18.11 -24.17 -2.47
CA ASP B 334 17.66 -23.83 -3.85
C ASP B 334 18.86 -23.38 -4.67
N PHE B 335 19.80 -22.61 -4.08
CA PHE B 335 21.02 -22.17 -4.77
C PHE B 335 21.84 -23.41 -5.16
N MET B 336 22.04 -24.32 -4.22
CA MET B 336 22.83 -25.58 -4.44
CA MET B 336 22.88 -25.50 -4.54
C MET B 336 22.17 -26.42 -5.56
N ALA B 337 20.84 -26.32 -5.70
CA ALA B 337 20.05 -27.01 -6.74
C ALA B 337 19.94 -26.18 -8.03
N LYS B 338 20.76 -25.14 -8.20
CA LYS B 338 20.82 -24.23 -9.37
C LYS B 338 19.47 -23.57 -9.68
N LYS B 339 18.65 -23.23 -8.68
CA LYS B 339 17.34 -22.58 -8.97
C LYS B 339 17.51 -21.08 -9.21
N PHE B 340 18.66 -20.52 -8.87
CA PHE B 340 19.00 -19.11 -9.14
C PHE B 340 20.52 -18.97 -9.09
N ALA B 341 21.03 -17.85 -9.59
CA ALA B 341 22.48 -17.53 -9.69
C ALA B 341 22.85 -16.39 -8.75
N LEU B 342 24.05 -16.43 -8.13
CA LEU B 342 24.58 -15.33 -7.30
C LEU B 342 25.79 -14.67 -7.97
N ASP B 343 26.52 -15.38 -8.84
CA ASP B 343 27.74 -14.80 -9.46
C ASP B 343 27.48 -13.48 -10.15
N PRO B 344 26.31 -13.27 -10.81
CA PRO B 344 26.08 -11.99 -11.47
C PRO B 344 26.07 -10.79 -10.51
N LEU B 345 25.85 -11.04 -9.22
CA LEU B 345 25.86 -9.95 -8.22
C LEU B 345 27.30 -9.61 -7.78
N ILE B 346 28.23 -10.54 -7.98
CA ILE B 346 29.60 -10.44 -7.39
C ILE B 346 30.52 -9.81 -8.42
N THR B 347 31.00 -8.61 -8.16
CA THR B 347 31.90 -7.89 -9.12
C THR B 347 33.33 -7.89 -8.61
N HIS B 348 33.53 -8.06 -7.31
CA HIS B 348 34.84 -7.87 -6.66
C HIS B 348 34.92 -8.86 -5.52
N VAL B 349 36.08 -9.49 -5.32
CA VAL B 349 36.32 -10.36 -4.14
C VAL B 349 37.63 -9.86 -3.56
N LEU B 350 37.60 -9.32 -2.33
CA LEU B 350 38.77 -8.68 -1.70
C LEU B 350 39.01 -9.31 -0.34
N PRO B 351 40.26 -9.32 0.15
CA PRO B 351 40.46 -9.67 1.53
C PRO B 351 39.77 -8.66 2.46
N PHE B 352 39.37 -9.15 3.64
CA PHE B 352 38.71 -8.33 4.68
C PHE B 352 39.49 -7.05 4.97
N GLU B 353 40.84 -7.12 4.95
CA GLU B 353 41.72 -5.98 5.29
C GLU B 353 41.48 -4.83 4.30
N LYS B 354 40.86 -5.08 3.14
CA LYS B 354 40.56 -4.05 2.11
C LYS B 354 39.09 -3.59 2.21
N ILE B 355 38.50 -3.68 3.40
CA ILE B 355 37.07 -3.26 3.55
C ILE B 355 36.89 -1.83 3.02
N ASN B 356 37.77 -0.88 3.37
CA ASN B 356 37.60 0.54 2.96
C ASN B 356 37.62 0.67 1.42
N GLU B 357 38.54 -0.03 0.76
CA GLU B 357 38.59 -0.08 -0.73
C GLU B 357 37.25 -0.62 -1.27
N GLY B 358 36.69 -1.62 -0.61
CA GLY B 358 35.38 -2.19 -0.99
C GLY B 358 34.27 -1.18 -0.89
N PHE B 359 34.25 -0.39 0.18
CA PHE B 359 33.26 0.69 0.33
C PHE B 359 33.45 1.77 -0.75
N ASP B 360 34.70 2.11 -1.09
CA ASP B 360 34.95 3.14 -2.13
C ASP B 360 34.49 2.60 -3.48
N LEU B 361 34.63 1.30 -3.75
CA LEU B 361 34.10 0.75 -5.04
C LEU B 361 32.59 0.98 -5.08
N LEU B 362 31.91 0.75 -3.95
CA LEU B 362 30.43 0.91 -3.95
C LEU B 362 30.09 2.38 -4.17
N ARG B 363 30.72 3.27 -3.41
CA ARG B 363 30.38 4.71 -3.43
C ARG B 363 30.65 5.28 -4.83
N SER B 364 31.69 4.81 -5.52
CA SER B 364 32.09 5.37 -6.83
C SER B 364 31.23 4.82 -7.97
N GLY B 365 30.31 3.89 -7.73
CA GLY B 365 29.47 3.28 -8.78
C GLY B 365 30.13 2.12 -9.51
N GLU B 366 31.33 1.72 -9.11
CA GLU B 366 32.13 0.72 -9.85
C GLU B 366 31.75 -0.72 -9.50
N SER B 367 31.14 -1.00 -8.33
CA SER B 367 30.84 -2.39 -7.90
C SER B 367 29.34 -2.61 -7.81
N ILE B 368 28.98 -3.87 -7.83
CA ILE B 368 27.64 -4.36 -7.33
C ILE B 368 27.92 -4.86 -5.91
N ARG B 369 28.22 -6.14 -5.73
CA ARG B 369 28.69 -6.69 -4.43
C ARG B 369 30.18 -6.97 -4.48
N THR B 370 30.89 -6.38 -3.53
CA THR B 370 32.23 -6.81 -3.10
C THR B 370 32.01 -7.84 -2.01
N ILE B 371 32.62 -9.01 -2.14
CA ILE B 371 32.66 -10.03 -1.08
C ILE B 371 34.02 -9.91 -0.39
N LEU B 372 34.04 -9.63 0.90
CA LEU B 372 35.28 -9.65 1.72
C LEU B 372 35.51 -11.05 2.31
N THR B 373 36.73 -11.55 2.16
CA THR B 373 37.09 -12.91 2.63
C THR B 373 38.04 -12.79 3.83
N PHE B 374 37.74 -13.47 4.91
CA PHE B 374 38.55 -13.43 6.15
C PHE B 374 39.78 -14.31 5.97
ZN ZN C . -20.66 8.77 -2.87
ZN ZN D . -13.20 0.62 -18.71
PA NAJ E . -19.96 11.33 6.61
O1A NAJ E . -19.61 12.82 6.78
O2A NAJ E . -21.33 10.88 6.88
O5B NAJ E . -19.09 10.41 7.56
C5B NAJ E . -17.81 10.91 8.00
C4B NAJ E . -17.57 10.74 9.50
O4B NAJ E . -16.25 11.20 9.81
C3B NAJ E . -18.50 11.60 10.36
O3B NAJ E . -19.35 10.75 11.16
C2B NAJ E . -17.59 12.58 11.11
O2B NAJ E . -18.01 12.91 12.44
C1B NAJ E . -16.26 11.81 11.10
N9A NAJ E . -15.09 12.66 11.31
C8A NAJ E . -14.90 13.90 10.76
N7A NAJ E . -13.70 14.30 11.12
C5A NAJ E . -13.13 13.34 11.90
C6A NAJ E . -11.86 13.20 12.62
N6A NAJ E . -10.99 14.21 12.55
N1A NAJ E . -11.64 12.13 13.22
C2A NAJ E . -12.53 11.07 13.30
N3A NAJ E . -13.81 11.17 12.69
C4A NAJ E . -14.03 12.27 12.00
O3 NAJ E . -19.43 10.80 5.14
PN NAJ E . -19.72 9.60 4.21
O1N NAJ E . -20.78 9.94 3.27
O2N NAJ E . -19.70 8.42 5.11
O5D NAJ E . -18.34 9.69 3.39
C5D NAJ E . -17.13 9.42 4.09
C4D NAJ E . -15.98 9.79 3.12
O4D NAJ E . -15.86 8.88 2.04
C3D NAJ E . -16.05 11.24 2.56
O3D NAJ E . -14.67 11.76 2.43
C2D NAJ E . -16.58 10.92 1.20
O2D NAJ E . -16.28 11.98 0.25
C1D NAJ E . -15.87 9.62 0.79
N1N NAJ E . -16.40 8.78 -0.20
C2N NAJ E . -15.58 7.97 -1.02
C3N NAJ E . -16.05 7.15 -1.93
C7N NAJ E . -15.21 6.26 -2.65
O7N NAJ E . -15.58 5.70 -3.65
N7N NAJ E . -13.98 5.97 -2.12
C4N NAJ E . -17.50 7.25 -2.38
C5N NAJ E . -18.27 7.70 -1.19
C6N NAJ E . -17.77 8.46 -0.25
C5 PZO F . -18.40 9.79 -4.89
C4 PZO F . -17.13 9.60 -5.22
C3 PZO F . -16.60 8.73 -4.32
N2 PZO F . -17.61 8.43 -3.45
N1 PZO F . -18.76 9.03 -3.80
C1 MPD G . -27.86 -7.77 9.02
C2 MPD G . -27.82 -9.10 8.28
O2 MPD G . -26.51 -9.28 7.72
CM MPD G . -27.94 -10.28 9.21
C3 MPD G . -28.83 -9.07 7.13
C4 MPD G . -30.27 -8.83 7.53
O4 MPD G . -30.96 -8.64 6.33
C5 MPD G . -30.85 -10.03 8.26
C1 MRD H . -11.88 -7.73 23.16
C1 MRD H . -14.59 -7.59 24.48
C2 MRD H . -11.86 -6.68 24.26
C2 MRD H . -13.83 -6.40 23.92
O2 MRD H . -12.23 -7.32 25.50
O2 MRD H . -13.62 -6.63 22.51
CM MRD H . -10.45 -6.17 24.50
CM MRD H . -14.63 -5.12 24.05
C3 MRD H . -12.84 -5.54 23.95
C3 MRD H . -12.45 -6.25 24.60
C4 MRD H . -14.25 -5.94 23.57
C4 MRD H . -11.57 -7.42 24.44
O4 MRD H . -14.30 -6.37 22.19
O4 MRD H . -11.71 -8.22 25.60
C5 MRD H . -15.27 -4.88 23.78
C5 MRD H . -10.12 -7.08 24.23
ZN ZN I . 21.62 -5.33 3.56
ZN ZN J . 9.39 -12.93 16.48
PA NAJ K . 23.48 0.16 -4.40
O1A NAJ K . 24.06 1.49 -4.06
O2A NAJ K . 24.30 -0.99 -4.88
O5B NAJ K . 22.43 0.43 -5.54
C5B NAJ K . 21.71 1.63 -5.66
C4B NAJ K . 21.48 2.02 -7.09
O4B NAJ K . 20.67 3.16 -7.11
C3B NAJ K . 22.80 2.45 -7.73
O3B NAJ K . 23.03 1.61 -8.89
C2B NAJ K . 22.61 3.93 -8.00
O2B NAJ K . 23.25 4.44 -9.21
C1B NAJ K . 21.10 4.08 -8.11
N9A NAJ K . 20.61 5.43 -7.87
C8A NAJ K . 21.06 6.35 -6.93
N7A NAJ K . 20.34 7.37 -7.07
C5A NAJ K . 19.42 7.20 -8.06
C6A NAJ K . 18.39 8.00 -8.61
N6A NAJ K . 18.17 9.23 -8.14
N1A NAJ K . 17.68 7.57 -9.56
C2A NAJ K . 17.80 6.32 -10.10
N3A NAJ K . 18.82 5.51 -9.59
C4A NAJ K . 19.57 5.99 -8.57
O3 NAJ K . 22.56 -0.32 -3.14
PN NAJ K . 22.01 -1.76 -2.71
O1N NAJ K . 22.97 -2.46 -1.79
O2N NAJ K . 21.49 -2.41 -3.90
O5D NAJ K . 20.82 -1.23 -1.75
C5D NAJ K . 19.72 -0.57 -2.41
C4D NAJ K . 18.85 0.05 -1.30
O4D NAJ K . 18.20 -1.00 -0.57
C3D NAJ K . 19.55 0.87 -0.27
O3D NAJ K . 18.79 2.00 0.32
C2D NAJ K . 19.77 -0.06 0.95
O2D NAJ K . 19.95 0.59 2.18
C1D NAJ K . 18.40 -0.78 0.82
N1N NAJ K . 18.38 -2.06 1.53
C2N NAJ K . 17.15 -2.48 2.08
C3N NAJ K . 17.02 -3.71 2.55
C7N NAJ K . 15.72 -4.22 3.02
O7N NAJ K . 15.61 -5.20 3.77
N7N NAJ K . 14.60 -3.66 2.62
C4N NAJ K . 18.13 -4.66 2.84
C5N NAJ K . 19.22 -4.29 1.80
C6N NAJ K . 19.31 -3.14 1.25
C5 PZO L . 18.07 -3.74 5.32
C4 PZO L . 18.94 -3.67 6.36
C3 PZO L . 20.13 -4.12 5.89
N2 PZO L . 20.04 -4.39 4.58
N1 PZO L . 18.74 -4.13 4.24
#